data_1KJ2
#
_entry.id   1KJ2
#
_cell.length_a   89.20
_cell.length_b   77.92
_cell.length_c   132.96
_cell.angle_alpha   90.00
_cell.angle_beta   108.23
_cell.angle_gamma   90.00
#
_symmetry.space_group_name_H-M   'P 1 21 1'
#
loop_
_entity.id
_entity.type
_entity.pdbx_description
1 polymer 'Allogeneic H-2Kb MHC Class I Molecule'
2 polymer 'Naturally processed octapeptide PKB1'
3 polymer 'Beta-2 microglobulin'
4 polymer 'KB5-C20 T-Cell receptor alpha-chain'
5 polymer 'KB5-C20 T-Cell receptor beta-chain'
6 branched 'N-acetyl-alpha-neuraminic acid-(2-3)-beta-D-galactopyranose-(1-4)-2-acetamido-2-deoxy-beta-D-glucopyranose-(1-2)-alpha-D-mannopyranose-(1-6)-[alpha-D-mannopyranose-(1-3)]alpha-D-mannopyranose-(1-4)-2-acetamido-2-deoxy-beta-D-glucopyranose-(1-4)-2-acetamido-2-deoxy-beta-D-glucopyranose'
7 non-polymer 2-acetamido-2-deoxy-beta-D-glucopyranose
8 water water
#
loop_
_entity_poly.entity_id
_entity_poly.type
_entity_poly.pdbx_seq_one_letter_code
_entity_poly.pdbx_strand_id
1 'polypeptide(L)'
;GPHSLRYFVTAVSRPGLGEPRYMEVGYVDDTEFVRFDSDAENPRYEPRARWMEQEGPEYWERETQKAKGNEQSFRVDLRT
LLGYYNQSKGGSHTIQVISGCEVGSDGRLLRGYQQYAYDGCDYIALNEDLKTWTAADMAALITKHKWEQAGEAERLRAYL
EGTCVEWLRRYLKNGNATLLRTDSPKAHVTHHSRPEDKVTLRCWALGFYPADITLTWQLNGEELIQDMELVETRPAGDGT
FQKWASVVVPLGKEQYYTCHVYHQGLPEPLTLRWEPP
;
H,I
2 'polypeptide(L)' KVITFIDL P,Q
3 'polypeptide(L)'
;IQKTPQIQVYSRHPPENGKPNILNCYVTQFHPPHIEIQMLKNGKKIPKVEMSDMSFSKDWSFYILAHTEFTPTETDTYAC
RVKHDSMAEPKTVYWDRDM
;
L,M
4 'polypeptide(L)'
;QQVRQSPQSLTVWEGETAILNCSYEDSTFNYFPWYQQFPGEGPALLISIRSVSDKKEDGRFTIFFNKREKKLSLHITDSQ
PGDSATYFCAARYQGGRALIFGTGTTVSVSP
;
A,D
5 'polypeptide(L)'
;VTLLEQNPRWRLVPRGQAVNLRCILKNSQYPWMSWYQQDLQKQLQWLFTLRSPGDKEVKSLPGADYLATRVTDTELRLQV
ANMSQGRTLYCTCSAAPDWGASAETLYFGSGTRLTVL
;
B,E
#
loop_
_chem_comp.id
_chem_comp.type
_chem_comp.name
_chem_comp.formula
GAL D-saccharide, beta linking beta-D-galactopyranose 'C6 H12 O6'
MAN D-saccharide, alpha linking alpha-D-mannopyranose 'C6 H12 O6'
NAG D-saccharide, beta linking 2-acetamido-2-deoxy-beta-D-glucopyranose 'C8 H15 N O6'
SIA D-saccharide, alpha linking 'N-acetyl-alpha-neuraminic acid' 'C11 H19 N O9'
#
# COMPACT_ATOMS: atom_id res chain seq x y z
N GLY A 1 2.34 7.24 -3.59
CA GLY A 1 2.59 6.06 -2.69
C GLY A 1 3.84 6.24 -1.85
N PRO A 2 4.40 5.17 -1.28
CA PRO A 2 5.61 5.33 -0.48
C PRO A 2 6.83 5.32 -1.36
N HIS A 3 7.94 5.86 -0.84
CA HIS A 3 9.20 5.89 -1.58
C HIS A 3 10.29 5.57 -0.60
N SER A 4 11.48 5.26 -1.09
CA SER A 4 12.58 4.96 -0.20
C SER A 4 13.95 5.16 -0.81
N LEU A 5 14.90 5.46 0.06
CA LEU A 5 16.29 5.64 -0.31
C LEU A 5 17.01 4.58 0.52
N ARG A 6 17.74 3.70 -0.16
CA ARG A 6 18.45 2.64 0.53
C ARG A 6 19.80 2.46 -0.11
N TYR A 7 20.76 1.97 0.68
CA TYR A 7 22.12 1.74 0.20
C TYR A 7 22.56 0.31 0.46
N PHE A 8 23.05 -0.35 -0.58
CA PHE A 8 23.50 -1.71 -0.45
C PHE A 8 25.02 -1.67 -0.46
N VAL A 9 25.59 -1.92 0.72
CA VAL A 9 27.03 -1.91 0.91
C VAL A 9 27.62 -3.31 0.98
N THR A 10 28.82 -3.46 0.43
CA THR A 10 29.49 -4.75 0.39
C THR A 10 30.96 -4.58 0.67
N ALA A 11 31.49 -5.46 1.50
CA ALA A 11 32.92 -5.45 1.81
C ALA A 11 33.27 -6.90 1.82
N VAL A 12 34.03 -7.33 0.81
CA VAL A 12 34.45 -8.71 0.71
C VAL A 12 35.98 -8.78 0.73
N SER A 13 36.51 -9.57 1.66
CA SER A 13 37.94 -9.73 1.81
C SER A 13 38.49 -10.80 0.90
N ARG A 14 39.59 -10.48 0.23
CA ARG A 14 40.24 -11.42 -0.65
C ARG A 14 41.65 -11.61 -0.13
N PRO A 15 41.97 -12.83 0.31
CA PRO A 15 43.28 -13.21 0.84
C PRO A 15 44.40 -13.08 -0.18
N GLY A 16 45.44 -12.33 0.19
CA GLY A 16 46.59 -12.14 -0.68
C GLY A 16 46.31 -11.29 -1.90
N LEU A 17 45.19 -11.56 -2.58
CA LEU A 17 44.78 -10.82 -3.78
C LEU A 17 44.63 -9.31 -3.53
N GLY A 18 45.26 -8.79 -2.46
CA GLY A 18 45.18 -7.37 -2.16
C GLY A 18 44.19 -6.99 -1.08
N GLU A 19 43.89 -5.70 -0.98
CA GLU A 19 42.95 -5.20 0.01
C GLU A 19 41.53 -5.72 -0.27
N PRO A 20 40.57 -5.38 0.60
CA PRO A 20 39.21 -5.87 0.36
C PRO A 20 38.51 -5.05 -0.71
N ARG A 21 37.49 -5.66 -1.30
CA ARG A 21 36.67 -5.04 -2.35
C ARG A 21 35.55 -4.30 -1.63
N TYR A 22 35.36 -3.02 -1.95
CA TYR A 22 34.32 -2.25 -1.28
C TYR A 22 33.39 -1.54 -2.26
N MET A 23 32.10 -1.59 -1.97
CA MET A 23 31.10 -0.96 -2.80
C MET A 23 29.96 -0.39 -2.01
N GLU A 24 29.36 0.64 -2.58
CA GLU A 24 28.19 1.29 -2.01
C GLU A 24 27.32 1.45 -3.24
N VAL A 25 26.02 1.22 -3.10
CA VAL A 25 25.10 1.37 -4.24
C VAL A 25 23.79 1.93 -3.75
N GLY A 26 23.41 3.09 -4.30
CA GLY A 26 22.17 3.71 -3.85
C GLY A 26 20.99 3.40 -4.73
N TYR A 27 19.82 3.33 -4.10
CA TYR A 27 18.58 3.03 -4.80
C TYR A 27 17.52 3.99 -4.37
N VAL A 28 16.79 4.54 -5.32
CA VAL A 28 15.70 5.44 -4.99
C VAL A 28 14.49 4.64 -5.45
N ASP A 29 13.65 4.24 -4.50
CA ASP A 29 12.47 3.46 -4.84
C ASP A 29 12.83 2.21 -5.65
N ASP A 30 13.91 1.52 -5.28
CA ASP A 30 14.32 0.29 -5.97
C ASP A 30 15.04 0.45 -7.30
N THR A 31 15.50 1.66 -7.59
CA THR A 31 16.21 1.97 -8.83
C THR A 31 17.62 2.43 -8.50
N GLU A 32 18.63 1.80 -9.07
CA GLU A 32 20.00 2.21 -8.78
C GLU A 32 20.23 3.63 -9.30
N PHE A 33 20.74 4.54 -8.48
CA PHE A 33 20.98 5.89 -8.95
C PHE A 33 22.39 6.39 -8.73
N VAL A 34 23.16 5.66 -7.92
CA VAL A 34 24.56 6.01 -7.64
C VAL A 34 25.30 4.73 -7.28
N ARG A 35 26.62 4.78 -7.42
CA ARG A 35 27.44 3.63 -7.11
C ARG A 35 28.89 4.02 -6.94
N PHE A 36 29.52 3.47 -5.89
CA PHE A 36 30.94 3.67 -5.62
C PHE A 36 31.55 2.28 -5.54
N ASP A 37 32.49 2.00 -6.42
CA ASP A 37 33.17 0.71 -6.46
C ASP A 37 34.65 0.99 -6.26
N SER A 38 35.23 0.41 -5.23
CA SER A 38 36.65 0.64 -4.93
C SER A 38 37.61 0.04 -5.95
N ASP A 39 37.09 -0.63 -6.97
CA ASP A 39 37.95 -1.26 -7.96
C ASP A 39 38.21 -0.50 -9.24
N ALA A 40 37.16 -0.05 -9.91
CA ALA A 40 37.36 0.72 -11.14
C ALA A 40 38.36 1.79 -10.77
N GLU A 41 39.27 2.16 -11.68
CA GLU A 41 40.24 3.19 -11.34
C GLU A 41 39.58 4.54 -11.18
N ASN A 42 40.12 5.31 -10.24
CA ASN A 42 39.59 6.61 -9.88
C ASN A 42 38.31 6.25 -9.13
N PRO A 43 38.41 5.37 -8.12
CA PRO A 43 37.19 5.03 -7.41
C PRO A 43 36.49 6.30 -6.96
N ARG A 44 35.32 6.53 -7.54
CA ARG A 44 34.51 7.72 -7.24
C ARG A 44 33.04 7.37 -7.17
N TYR A 45 32.25 8.35 -6.76
CA TYR A 45 30.81 8.20 -6.70
C TYR A 45 30.28 8.62 -8.07
N GLU A 46 29.74 7.66 -8.81
CA GLU A 46 29.23 7.93 -10.15
C GLU A 46 27.72 7.94 -10.18
N PRO A 47 27.12 8.83 -11.00
CA PRO A 47 25.66 8.82 -11.05
C PRO A 47 25.30 7.60 -11.90
N ARG A 48 24.13 7.03 -11.69
CA ARG A 48 23.75 5.85 -12.44
C ARG A 48 22.44 6.14 -13.15
N ALA A 49 22.01 7.39 -13.08
CA ALA A 49 20.77 7.81 -13.69
C ALA A 49 20.94 9.24 -14.18
N ARG A 50 20.75 9.42 -15.48
CA ARG A 50 20.88 10.71 -16.12
C ARG A 50 20.37 11.86 -15.26
N TRP A 51 19.33 11.62 -14.46
CA TRP A 51 18.80 12.71 -13.63
C TRP A 51 19.68 13.09 -12.46
N MET A 52 20.72 12.31 -12.19
CA MET A 52 21.59 12.64 -11.07
C MET A 52 22.73 13.56 -11.47
N GLU A 53 22.85 13.82 -12.77
CA GLU A 53 23.92 14.67 -13.27
C GLU A 53 23.73 16.14 -12.88
N GLN A 54 22.56 16.48 -12.34
CA GLN A 54 22.29 17.85 -11.93
C GLN A 54 22.93 18.15 -10.60
N GLU A 55 23.73 17.21 -10.09
CA GLU A 55 24.39 17.44 -8.82
C GLU A 55 25.73 18.13 -9.05
N GLY A 56 25.96 19.21 -8.30
CA GLY A 56 27.21 19.95 -8.44
C GLY A 56 28.44 19.08 -8.33
N PRO A 57 29.61 19.55 -8.81
CA PRO A 57 30.83 18.77 -8.74
C PRO A 57 31.22 18.54 -7.28
N GLU A 58 30.64 19.35 -6.41
CA GLU A 58 30.91 19.26 -4.98
C GLU A 58 30.20 18.05 -4.34
N TYR A 59 29.04 17.69 -4.86
CA TYR A 59 28.30 16.54 -4.34
C TYR A 59 29.17 15.27 -4.44
N TRP A 60 29.75 15.03 -5.62
CA TRP A 60 30.58 13.84 -5.83
C TRP A 60 31.93 13.80 -5.13
N GLU A 61 32.53 14.95 -4.85
CA GLU A 61 33.81 14.95 -4.16
C GLU A 61 33.51 14.48 -2.76
N ARG A 62 32.53 15.14 -2.16
CA ARG A 62 32.13 14.84 -0.81
C ARG A 62 31.70 13.39 -0.64
N GLU A 63 30.78 12.90 -1.48
CA GLU A 63 30.36 11.51 -1.37
C GLU A 63 31.53 10.53 -1.53
N THR A 64 32.48 10.88 -2.39
CA THR A 64 33.63 10.02 -2.60
C THR A 64 34.50 10.02 -1.36
N GLN A 65 34.69 11.19 -0.78
CA GLN A 65 35.51 11.32 0.42
C GLN A 65 34.91 10.48 1.55
N LYS A 66 33.58 10.57 1.71
CA LYS A 66 32.85 9.83 2.74
C LYS A 66 32.94 8.31 2.52
N ALA A 67 32.83 7.90 1.25
CA ALA A 67 32.88 6.50 0.90
C ALA A 67 34.23 5.91 1.28
N LYS A 68 35.30 6.65 0.98
CA LYS A 68 36.65 6.20 1.27
C LYS A 68 36.87 6.04 2.77
N GLY A 69 36.07 6.76 3.55
CA GLY A 69 36.19 6.67 4.99
C GLY A 69 35.48 5.40 5.41
N ASN A 70 34.24 5.24 4.92
CA ASN A 70 33.43 4.07 5.21
C ASN A 70 34.26 2.86 4.86
N GLU A 71 35.00 2.94 3.76
CA GLU A 71 35.82 1.83 3.33
C GLU A 71 36.84 1.42 4.36
N GLN A 72 37.51 2.41 4.97
CA GLN A 72 38.51 2.08 5.97
C GLN A 72 37.77 1.41 7.11
N SER A 73 36.56 1.88 7.35
CA SER A 73 35.71 1.39 8.41
C SER A 73 35.46 -0.09 8.28
N PHE A 74 35.18 -0.54 7.07
CA PHE A 74 34.89 -1.97 6.84
C PHE A 74 36.10 -2.87 6.80
N ARG A 75 37.28 -2.32 6.52
CA ARG A 75 38.47 -3.15 6.52
C ARG A 75 38.68 -3.58 7.96
N VAL A 76 38.34 -2.67 8.86
CA VAL A 76 38.44 -2.91 10.30
C VAL A 76 37.40 -3.95 10.68
N ASP A 77 36.14 -3.69 10.31
CA ASP A 77 35.01 -4.59 10.57
C ASP A 77 35.33 -6.02 10.12
N LEU A 78 35.92 -6.17 8.95
CA LEU A 78 36.27 -7.49 8.45
C LEU A 78 37.21 -8.17 9.44
N ARG A 79 38.33 -7.54 9.76
CA ARG A 79 39.29 -8.10 10.72
C ARG A 79 38.66 -8.43 12.05
N THR A 80 37.86 -7.50 12.55
CA THR A 80 37.19 -7.69 13.82
C THR A 80 36.41 -9.01 13.88
N LEU A 81 35.53 -9.20 12.92
CA LEU A 81 34.72 -10.41 12.87
C LEU A 81 35.59 -11.67 12.76
N LEU A 82 36.71 -11.58 12.04
CA LEU A 82 37.60 -12.74 11.94
C LEU A 82 37.93 -13.08 13.39
N GLY A 83 37.85 -12.09 14.25
CA GLY A 83 38.16 -12.31 15.64
C GLY A 83 37.04 -12.97 16.43
N TYR A 84 35.84 -12.40 16.36
CA TYR A 84 34.69 -12.93 17.09
C TYR A 84 34.40 -14.40 16.79
N TYR A 85 34.43 -14.74 15.51
CA TYR A 85 34.15 -16.09 15.06
C TYR A 85 35.37 -17.00 15.08
N ASN A 86 36.52 -16.41 15.33
CA ASN A 86 37.76 -17.17 15.37
C ASN A 86 37.94 -17.90 14.04
N GLN A 87 38.22 -17.14 12.99
CA GLN A 87 38.41 -17.67 11.66
C GLN A 87 39.77 -17.23 11.14
N SER A 88 40.57 -18.19 10.67
CA SER A 88 41.90 -17.90 10.15
C SER A 88 41.93 -16.69 9.22
N LYS A 89 43.03 -15.94 9.29
CA LYS A 89 43.21 -14.72 8.49
C LYS A 89 43.38 -15.02 7.01
N GLY A 90 43.23 -16.28 6.63
CA GLY A 90 43.41 -16.65 5.24
C GLY A 90 42.16 -16.59 4.38
N GLY A 91 41.01 -16.89 4.98
CA GLY A 91 39.77 -16.90 4.23
C GLY A 91 39.39 -15.66 3.43
N SER A 92 38.18 -15.71 2.89
CA SER A 92 37.59 -14.63 2.12
C SER A 92 36.20 -14.53 2.73
N HIS A 93 35.87 -13.36 3.28
CA HIS A 93 34.57 -13.18 3.92
C HIS A 93 33.78 -11.97 3.42
N THR A 94 32.50 -11.89 3.81
CA THR A 94 31.65 -10.81 3.32
C THR A 94 30.78 -10.10 4.33
N ILE A 95 30.83 -8.77 4.29
CA ILE A 95 30.00 -7.95 5.16
C ILE A 95 29.10 -7.18 4.21
N GLN A 96 27.80 -7.13 4.51
CA GLN A 96 26.85 -6.41 3.68
C GLN A 96 25.95 -5.59 4.61
N VAL A 97 25.46 -4.46 4.11
CA VAL A 97 24.57 -3.61 4.88
C VAL A 97 23.47 -3.07 4.00
N ILE A 98 22.36 -2.75 4.63
CA ILE A 98 21.25 -2.13 3.93
C ILE A 98 20.86 -0.98 4.84
N SER A 99 21.21 0.23 4.44
CA SER A 99 20.91 1.41 5.22
C SER A 99 20.06 2.34 4.40
N GLY A 100 19.01 2.88 4.99
CA GLY A 100 18.16 3.76 4.23
C GLY A 100 16.92 4.06 5.01
N CYS A 101 15.92 4.58 4.33
CA CYS A 101 14.65 4.93 4.95
C CYS A 101 13.53 4.77 3.93
N GLU A 102 12.32 4.62 4.44
CA GLU A 102 11.16 4.50 3.61
C GLU A 102 10.19 5.46 4.25
N VAL A 103 9.68 6.40 3.45
CA VAL A 103 8.72 7.36 3.97
C VAL A 103 7.45 7.30 3.15
N GLY A 104 6.30 7.35 3.83
CA GLY A 104 5.03 7.27 3.14
C GLY A 104 4.73 8.53 2.36
N SER A 105 3.57 8.53 1.73
CA SER A 105 3.09 9.65 0.92
C SER A 105 2.65 10.84 1.80
N ASP A 106 2.57 10.60 3.10
CA ASP A 106 2.17 11.63 4.06
C ASP A 106 3.42 12.28 4.65
N GLY A 107 4.57 11.87 4.12
CA GLY A 107 5.84 12.42 4.58
C GLY A 107 6.37 11.79 5.85
N ARG A 108 5.57 10.90 6.43
CA ARG A 108 5.96 10.24 7.67
C ARG A 108 6.99 9.15 7.43
N LEU A 109 7.90 8.97 8.38
CA LEU A 109 8.95 7.96 8.24
C LEU A 109 8.41 6.59 8.54
N LEU A 110 8.07 5.85 7.48
CA LEU A 110 7.53 4.51 7.62
C LEU A 110 8.51 3.54 8.21
N ARG A 111 9.73 3.56 7.70
CA ARG A 111 10.72 2.61 8.16
C ARG A 111 12.13 3.11 7.95
N GLY A 112 13.02 2.79 8.89
CA GLY A 112 14.40 3.21 8.75
C GLY A 112 15.24 1.95 8.80
N TYR A 113 16.10 1.75 7.81
CA TYR A 113 16.90 0.53 7.77
C TYR A 113 18.38 0.66 8.11
N GLN A 114 18.86 -0.29 8.90
CA GLN A 114 20.26 -0.36 9.26
C GLN A 114 20.47 -1.83 9.59
N GLN A 115 20.74 -2.64 8.57
CA GLN A 115 20.94 -4.07 8.74
C GLN A 115 22.30 -4.52 8.27
N TYR A 116 22.92 -5.38 9.06
CA TYR A 116 24.23 -5.91 8.73
C TYR A 116 24.08 -7.41 8.59
N ALA A 117 24.93 -8.00 7.76
CA ALA A 117 24.94 -9.43 7.53
C ALA A 117 26.35 -9.89 7.33
N TYR A 118 26.73 -10.97 8.00
CA TYR A 118 28.07 -11.48 7.85
C TYR A 118 28.06 -12.80 7.11
N ASP A 119 28.85 -12.88 6.04
CA ASP A 119 28.97 -14.08 5.23
C ASP A 119 27.64 -14.64 4.75
N GLY A 120 26.70 -13.75 4.43
CA GLY A 120 25.41 -14.18 3.95
C GLY A 120 24.33 -14.36 4.98
N CYS A 121 24.67 -14.26 6.25
CA CYS A 121 23.65 -14.42 7.29
C CYS A 121 23.49 -13.16 8.14
N ASP A 122 22.28 -12.96 8.65
CA ASP A 122 21.98 -11.81 9.50
C ASP A 122 22.99 -11.71 10.63
N TYR A 123 23.31 -10.48 11.00
CA TYR A 123 24.29 -10.25 12.06
C TYR A 123 23.68 -9.38 13.14
N ILE A 124 23.24 -8.18 12.75
CA ILE A 124 22.65 -7.22 13.68
C ILE A 124 21.87 -6.15 12.90
N ALA A 125 20.69 -5.79 13.40
CA ALA A 125 19.90 -4.79 12.74
C ALA A 125 19.13 -3.98 13.74
N LEU A 126 18.73 -2.79 13.33
CA LEU A 126 18.02 -1.86 14.17
C LEU A 126 16.56 -2.21 14.16
N ASN A 127 15.95 -2.22 15.34
CA ASN A 127 14.55 -2.54 15.44
C ASN A 127 13.69 -1.41 14.94
N GLU A 128 12.39 -1.68 14.81
CA GLU A 128 11.41 -0.73 14.31
C GLU A 128 11.20 0.46 15.22
N ASP A 129 11.67 0.35 16.46
CA ASP A 129 11.49 1.44 17.40
C ASP A 129 12.62 2.44 17.24
N LEU A 130 13.55 2.14 16.34
CA LEU A 130 14.70 2.99 16.08
C LEU A 130 15.38 3.30 17.41
N LYS A 131 15.20 2.43 18.38
CA LYS A 131 15.80 2.60 19.69
C LYS A 131 16.68 1.45 20.14
N THR A 132 16.32 0.23 19.76
CA THR A 132 17.08 -0.96 20.17
C THR A 132 17.62 -1.79 19.01
N TRP A 133 18.55 -2.69 19.31
CA TRP A 133 19.14 -3.55 18.28
C TRP A 133 18.80 -5.03 18.48
N THR A 134 18.90 -5.81 17.41
CA THR A 134 18.64 -7.26 17.49
C THR A 134 19.87 -8.01 17.03
N ALA A 135 20.48 -8.80 17.91
CA ALA A 135 21.68 -9.56 17.57
C ALA A 135 21.30 -10.91 16.97
N ALA A 136 21.97 -11.32 15.89
CA ALA A 136 21.67 -12.60 15.25
C ALA A 136 22.32 -13.82 15.94
N ASP A 137 23.49 -13.62 16.54
CA ASP A 137 24.18 -14.70 17.24
C ASP A 137 24.97 -14.21 18.43
N MET A 138 25.76 -15.08 19.04
CA MET A 138 26.53 -14.65 20.20
C MET A 138 27.49 -13.53 19.84
N ALA A 139 28.16 -13.65 18.69
CA ALA A 139 29.10 -12.62 18.23
C ALA A 139 28.45 -11.22 18.19
N ALA A 140 27.33 -11.12 17.48
CA ALA A 140 26.60 -9.86 17.35
C ALA A 140 26.20 -9.20 18.68
N LEU A 141 26.34 -9.91 19.80
CA LEU A 141 25.99 -9.34 21.10
C LEU A 141 27.08 -8.39 21.53
N ILE A 142 28.30 -8.69 21.08
CA ILE A 142 29.44 -7.86 21.40
C ILE A 142 29.19 -6.52 20.73
N THR A 143 28.78 -6.56 19.46
CA THR A 143 28.50 -5.37 18.71
C THR A 143 27.31 -4.67 19.32
N LYS A 144 26.27 -5.42 19.60
CA LYS A 144 25.08 -4.83 20.19
C LYS A 144 25.42 -4.05 21.45
N HIS A 145 26.21 -4.65 22.33
CA HIS A 145 26.57 -3.99 23.58
C HIS A 145 27.42 -2.73 23.39
N LYS A 146 28.33 -2.78 22.42
CA LYS A 146 29.17 -1.62 22.14
C LYS A 146 28.28 -0.50 21.61
N TRP A 147 27.43 -0.80 20.63
CA TRP A 147 26.52 0.20 20.06
C TRP A 147 25.52 0.81 21.04
N GLU A 148 25.17 0.09 22.11
CA GLU A 148 24.24 0.62 23.10
C GLU A 148 25.02 1.57 24.00
N GLN A 149 26.29 1.26 24.17
CA GLN A 149 27.16 2.10 24.98
C GLN A 149 27.24 3.46 24.32
N ALA A 150 27.78 3.46 23.11
CA ALA A 150 27.98 4.66 22.30
C ALA A 150 26.72 5.41 21.87
N GLY A 151 25.55 4.83 22.06
CA GLY A 151 24.33 5.52 21.63
C GLY A 151 24.24 5.60 20.10
N GLU A 152 24.62 4.51 19.44
CA GLU A 152 24.58 4.46 17.98
C GLU A 152 23.16 4.60 17.45
N ALA A 153 22.17 4.20 18.24
CA ALA A 153 20.78 4.31 17.82
C ALA A 153 20.38 5.76 17.68
N GLU A 154 20.82 6.60 18.61
CA GLU A 154 20.48 8.00 18.55
C GLU A 154 21.13 8.58 17.31
N ARG A 155 22.30 8.06 16.95
CA ARG A 155 23.02 8.57 15.79
C ARG A 155 22.23 8.24 14.54
N LEU A 156 21.79 6.99 14.44
CA LEU A 156 21.03 6.59 13.29
C LEU A 156 19.71 7.32 13.18
N ARG A 157 19.01 7.45 14.29
CA ARG A 157 17.73 8.14 14.31
C ARG A 157 17.93 9.57 13.77
N ALA A 158 19.03 10.21 14.14
CA ALA A 158 19.29 11.56 13.66
C ALA A 158 19.46 11.55 12.15
N TYR A 159 20.18 10.56 11.64
CA TYR A 159 20.40 10.44 10.19
C TYR A 159 19.08 10.21 9.47
N LEU A 160 18.30 9.26 9.96
CA LEU A 160 17.05 8.93 9.31
C LEU A 160 16.11 10.12 9.20
N GLU A 161 16.04 10.95 10.23
CA GLU A 161 15.15 12.11 10.25
C GLU A 161 15.69 13.35 9.54
N GLY A 162 17.00 13.43 9.36
CA GLY A 162 17.53 14.59 8.69
C GLY A 162 17.98 14.22 7.30
N THR A 163 19.24 13.83 7.17
CA THR A 163 19.80 13.49 5.88
C THR A 163 19.02 12.50 5.02
N CYS A 164 18.59 11.37 5.58
CA CYS A 164 17.89 10.40 4.74
C CYS A 164 16.63 10.97 4.15
N VAL A 165 15.71 11.33 5.02
CA VAL A 165 14.45 11.89 4.60
C VAL A 165 14.59 13.11 3.71
N GLU A 166 15.56 13.96 4.01
CA GLU A 166 15.74 15.19 3.26
C GLU A 166 16.24 15.03 1.84
N TRP A 167 17.23 14.17 1.63
CA TRP A 167 17.73 13.94 0.29
C TRP A 167 16.85 12.98 -0.52
N LEU A 168 16.00 12.21 0.15
CA LEU A 168 15.12 11.31 -0.56
C LEU A 168 14.17 12.25 -1.30
N ARG A 169 13.76 13.32 -0.61
CA ARG A 169 12.86 14.30 -1.20
C ARG A 169 13.45 14.94 -2.44
N ARG A 170 14.73 15.31 -2.35
CA ARG A 170 15.44 15.94 -3.45
C ARG A 170 15.60 14.97 -4.63
N TYR A 171 16.15 13.79 -4.38
CA TYR A 171 16.32 12.81 -5.45
C TYR A 171 14.99 12.58 -6.14
N LEU A 172 13.91 12.53 -5.38
CA LEU A 172 12.60 12.34 -5.96
C LEU A 172 12.20 13.53 -6.85
N LYS A 173 12.57 14.74 -6.42
CA LYS A 173 12.24 15.94 -7.19
C LYS A 173 12.92 15.91 -8.56
N ASN A 174 14.16 15.44 -8.61
CA ASN A 174 14.92 15.36 -9.86
C ASN A 174 14.60 14.11 -10.67
N GLY A 175 14.13 13.07 -9.98
CA GLY A 175 13.85 11.82 -10.66
C GLY A 175 12.42 11.54 -11.06
N ASN A 176 11.47 12.25 -10.45
CA ASN A 176 10.04 12.07 -10.75
C ASN A 176 9.74 11.50 -12.12
N ALA A 177 9.92 12.36 -13.13
CA ALA A 177 9.67 12.00 -14.52
C ALA A 177 10.15 10.60 -14.87
N THR A 178 11.46 10.38 -14.71
CA THR A 178 12.09 9.09 -15.03
C THR A 178 11.62 7.87 -14.23
N LEU A 179 11.51 8.03 -12.91
CA LEU A 179 11.11 6.93 -12.02
C LEU A 179 9.72 6.37 -12.25
N LEU A 180 8.76 7.24 -12.57
CA LEU A 180 7.39 6.78 -12.78
C LEU A 180 7.08 6.29 -14.18
N ARG A 181 8.10 5.93 -14.96
CA ARG A 181 7.86 5.43 -16.32
C ARG A 181 7.21 4.06 -16.20
N THR A 182 6.32 3.74 -17.12
CA THR A 182 5.62 2.46 -17.08
C THR A 182 5.33 1.86 -18.44
N ASP A 183 6.06 0.82 -18.78
CA ASP A 183 5.88 0.13 -20.04
C ASP A 183 4.98 -1.07 -19.82
N SER A 184 3.86 -1.08 -20.53
CA SER A 184 2.94 -2.19 -20.39
C SER A 184 3.53 -3.40 -21.12
N PRO A 185 3.20 -4.60 -20.63
CA PRO A 185 3.72 -5.81 -21.26
C PRO A 185 3.02 -6.12 -22.60
N LYS A 186 3.78 -6.73 -23.49
CA LYS A 186 3.27 -7.14 -24.79
C LYS A 186 3.22 -8.65 -24.59
N ALA A 187 2.06 -9.25 -24.77
CA ALA A 187 1.95 -10.69 -24.53
C ALA A 187 1.52 -11.56 -25.71
N HIS A 188 1.99 -12.80 -25.71
CA HIS A 188 1.62 -13.75 -26.75
C HIS A 188 1.80 -15.19 -26.31
N VAL A 189 1.16 -16.12 -27.01
CA VAL A 189 1.26 -17.52 -26.69
C VAL A 189 1.93 -18.34 -27.79
N THR A 190 2.82 -19.23 -27.39
CA THR A 190 3.49 -20.06 -28.35
C THR A 190 3.07 -21.52 -28.13
N HIS A 191 3.04 -22.25 -29.24
CA HIS A 191 2.64 -23.66 -29.28
C HIS A 191 3.85 -24.59 -29.44
N HIS A 192 3.98 -25.55 -28.51
CA HIS A 192 5.08 -26.50 -28.52
C HIS A 192 4.53 -27.90 -28.33
N SER A 193 5.04 -28.86 -29.08
CA SER A 193 4.54 -30.22 -29.00
C SER A 193 5.31 -31.14 -28.08
N ARG A 194 4.60 -31.65 -27.08
CA ARG A 194 5.13 -32.55 -26.06
C ARG A 194 4.93 -34.02 -26.55
N PRO A 195 5.50 -35.01 -25.83
CA PRO A 195 5.31 -36.40 -26.27
C PRO A 195 3.85 -36.91 -26.41
N GLU A 196 3.65 -37.67 -27.47
CA GLU A 196 2.37 -38.26 -27.83
C GLU A 196 1.30 -37.19 -28.13
N ASP A 197 0.11 -37.42 -27.61
CA ASP A 197 -1.05 -36.55 -27.79
C ASP A 197 -1.05 -35.33 -26.87
N LYS A 198 0.10 -34.70 -26.66
CA LYS A 198 0.07 -33.54 -25.78
C LYS A 198 0.89 -32.38 -26.27
N VAL A 199 0.55 -31.19 -25.76
CA VAL A 199 1.23 -29.98 -26.16
C VAL A 199 1.44 -29.00 -25.00
N THR A 200 2.45 -28.15 -25.14
CA THR A 200 2.75 -27.15 -24.15
C THR A 200 2.33 -25.78 -24.67
N LEU A 201 1.51 -25.11 -23.89
CA LEU A 201 1.08 -23.77 -24.25
C LEU A 201 1.88 -22.82 -23.38
N ARG A 202 2.59 -21.88 -24.00
CA ARG A 202 3.40 -20.93 -23.23
C ARG A 202 3.01 -19.48 -23.44
N CYS A 203 2.73 -18.80 -22.34
CA CYS A 203 2.33 -17.41 -22.37
C CYS A 203 3.53 -16.53 -22.08
N TRP A 204 3.88 -15.67 -23.04
CA TRP A 204 5.02 -14.76 -22.92
C TRP A 204 4.60 -13.32 -22.64
N ALA A 205 5.26 -12.67 -21.69
CA ALA A 205 5.00 -11.27 -21.37
C ALA A 205 6.34 -10.58 -21.59
N LEU A 206 6.39 -9.60 -22.49
CA LEU A 206 7.68 -8.98 -22.78
C LEU A 206 7.73 -7.45 -22.73
N GLY A 207 8.94 -6.93 -22.53
CA GLY A 207 9.20 -5.50 -22.49
C GLY A 207 8.49 -4.63 -21.46
N PHE A 208 8.06 -5.22 -20.36
CA PHE A 208 7.37 -4.44 -19.34
C PHE A 208 8.25 -3.85 -18.23
N TYR A 209 7.69 -2.86 -17.54
CA TYR A 209 8.36 -2.18 -16.43
C TYR A 209 7.29 -1.42 -15.63
N PRO A 210 7.34 -1.45 -14.29
CA PRO A 210 8.33 -2.12 -13.44
C PRO A 210 8.23 -3.65 -13.56
N ALA A 211 9.11 -4.36 -12.87
CA ALA A 211 9.12 -5.81 -12.92
C ALA A 211 7.87 -6.52 -12.41
N ASP A 212 7.11 -5.89 -11.52
CA ASP A 212 5.94 -6.57 -10.97
C ASP A 212 4.87 -6.94 -12.02
N ILE A 213 4.53 -8.22 -12.08
CA ILE A 213 3.56 -8.77 -13.05
C ILE A 213 2.99 -10.10 -12.54
N THR A 214 1.82 -10.48 -13.05
CA THR A 214 1.17 -11.75 -12.66
C THR A 214 0.55 -12.45 -13.87
N LEU A 215 1.00 -13.66 -14.17
CA LEU A 215 0.47 -14.42 -15.29
C LEU A 215 -0.28 -15.66 -14.81
N THR A 216 -1.48 -15.88 -15.34
CA THR A 216 -2.27 -17.07 -14.95
C THR A 216 -2.99 -17.70 -16.13
N TRP A 217 -3.04 -19.03 -16.14
CA TRP A 217 -3.72 -19.77 -17.17
C TRP A 217 -5.10 -20.18 -16.65
N GLN A 218 -6.09 -20.18 -17.52
CA GLN A 218 -7.43 -20.54 -17.11
C GLN A 218 -8.13 -21.61 -17.95
N LEU A 219 -8.55 -22.68 -17.28
CA LEU A 219 -9.28 -23.78 -17.88
C LEU A 219 -10.76 -23.54 -17.61
N ASN A 220 -11.37 -22.65 -18.39
CA ASN A 220 -12.77 -22.33 -18.22
C ASN A 220 -13.11 -21.97 -16.76
N GLY A 221 -12.98 -20.68 -16.43
CA GLY A 221 -13.30 -20.21 -15.10
C GLY A 221 -12.36 -20.47 -13.94
N GLU A 222 -11.64 -21.59 -13.94
CA GLU A 222 -10.75 -21.91 -12.84
C GLU A 222 -9.26 -21.69 -13.18
N GLU A 223 -8.44 -21.47 -12.14
CA GLU A 223 -7.00 -21.24 -12.35
C GLU A 223 -6.13 -22.45 -12.05
N LEU A 224 -5.30 -22.83 -13.02
CA LEU A 224 -4.41 -23.99 -12.91
C LEU A 224 -3.30 -23.86 -11.86
N ILE A 225 -3.65 -23.49 -10.63
CA ILE A 225 -2.65 -23.34 -9.57
C ILE A 225 -1.64 -24.49 -9.60
N GLN A 226 -2.12 -25.71 -9.76
CA GLN A 226 -1.25 -26.87 -9.76
C GLN A 226 -0.21 -26.91 -10.88
N ASP A 227 -0.51 -27.66 -11.94
CA ASP A 227 0.42 -27.84 -13.06
C ASP A 227 0.75 -26.70 -14.01
N MET A 228 1.34 -25.62 -13.48
CA MET A 228 1.74 -24.50 -14.31
C MET A 228 3.22 -24.22 -14.15
N GLU A 229 3.94 -24.21 -15.25
CA GLU A 229 5.38 -23.94 -15.21
C GLU A 229 5.57 -22.46 -15.50
N LEU A 230 6.45 -21.80 -14.73
CA LEU A 230 6.68 -20.37 -14.95
C LEU A 230 8.02 -19.88 -14.40
N VAL A 231 8.77 -19.21 -15.26
CA VAL A 231 10.08 -18.68 -14.93
C VAL A 231 10.06 -17.44 -14.05
N GLU A 232 11.16 -17.21 -13.34
CA GLU A 232 11.30 -16.04 -12.50
C GLU A 232 11.44 -14.85 -13.43
N THR A 233 10.76 -13.76 -13.11
CA THR A 233 10.87 -12.55 -13.93
C THR A 233 12.37 -12.27 -14.15
N ARG A 234 12.75 -11.95 -15.37
CA ARG A 234 14.14 -11.71 -15.66
C ARG A 234 14.27 -10.45 -16.50
N PRO A 235 15.42 -9.77 -16.42
CA PRO A 235 15.61 -8.55 -17.20
C PRO A 235 15.93 -8.82 -18.66
N ALA A 236 15.42 -7.96 -19.53
CA ALA A 236 15.69 -8.09 -20.96
C ALA A 236 17.10 -7.52 -21.14
N GLY A 237 17.48 -6.65 -20.19
CA GLY A 237 18.80 -6.03 -20.21
C GLY A 237 18.77 -4.65 -20.81
N ASP A 238 17.57 -4.13 -21.04
CA ASP A 238 17.41 -2.82 -21.64
C ASP A 238 16.42 -1.95 -20.86
N GLY A 239 16.26 -2.23 -19.58
CA GLY A 239 15.34 -1.46 -18.78
C GLY A 239 14.06 -2.22 -18.47
N THR A 240 13.71 -3.15 -19.35
CA THR A 240 12.50 -3.94 -19.17
C THR A 240 12.73 -5.37 -18.66
N PHE A 241 11.62 -6.06 -18.36
CA PHE A 241 11.62 -7.43 -17.86
C PHE A 241 10.75 -8.40 -18.67
N GLN A 242 11.02 -9.69 -18.52
CA GLN A 242 10.28 -10.72 -19.24
C GLN A 242 9.76 -11.78 -18.28
N LYS A 243 8.85 -12.62 -18.77
CA LYS A 243 8.32 -13.70 -17.96
C LYS A 243 7.30 -14.50 -18.74
N TRP A 244 7.20 -15.78 -18.41
CA TRP A 244 6.21 -16.62 -19.07
C TRP A 244 5.71 -17.76 -18.20
N ALA A 245 4.49 -18.18 -18.50
CA ALA A 245 3.84 -19.27 -17.80
C ALA A 245 3.44 -20.24 -18.89
N SER A 246 3.68 -21.52 -18.66
CA SER A 246 3.31 -22.51 -19.65
C SER A 246 2.49 -23.60 -19.00
N VAL A 247 1.61 -24.19 -19.78
CA VAL A 247 0.75 -25.25 -19.28
C VAL A 247 0.72 -26.38 -20.32
N VAL A 248 0.70 -27.62 -19.84
CA VAL A 248 0.66 -28.79 -20.70
C VAL A 248 -0.81 -29.12 -20.91
N VAL A 249 -1.22 -29.30 -22.17
CA VAL A 249 -2.61 -29.58 -22.45
C VAL A 249 -2.92 -30.61 -23.52
N PRO A 250 -4.16 -31.16 -23.50
CA PRO A 250 -4.56 -32.16 -24.49
C PRO A 250 -4.63 -31.55 -25.89
N LEU A 251 -3.95 -32.20 -26.82
CA LEU A 251 -3.89 -31.79 -28.22
C LEU A 251 -5.30 -31.52 -28.75
N GLY A 252 -5.45 -30.48 -29.55
CA GLY A 252 -6.77 -30.16 -30.08
C GLY A 252 -7.66 -29.41 -29.10
N LYS A 253 -7.46 -29.68 -27.81
CA LYS A 253 -8.25 -29.04 -26.74
C LYS A 253 -7.63 -27.74 -26.26
N GLU A 254 -6.73 -27.15 -27.05
CA GLU A 254 -6.06 -25.92 -26.66
C GLU A 254 -6.98 -24.71 -26.41
N GLN A 255 -8.12 -24.67 -27.09
CA GLN A 255 -9.04 -23.56 -26.94
C GLN A 255 -9.70 -23.40 -25.58
N TYR A 256 -9.68 -24.47 -24.80
CA TYR A 256 -10.25 -24.47 -23.45
C TYR A 256 -9.44 -23.61 -22.50
N TYR A 257 -8.20 -23.27 -22.89
CA TYR A 257 -7.31 -22.49 -22.03
C TYR A 257 -7.02 -21.06 -22.47
N THR A 258 -6.94 -20.18 -21.47
CA THR A 258 -6.69 -18.75 -21.66
C THR A 258 -5.62 -18.22 -20.72
N CYS A 259 -4.79 -17.32 -21.24
CA CYS A 259 -3.75 -16.73 -20.42
C CYS A 259 -4.20 -15.35 -19.96
N HIS A 260 -3.78 -14.96 -18.76
CA HIS A 260 -4.14 -13.66 -18.20
C HIS A 260 -2.91 -12.93 -17.69
N VAL A 261 -2.77 -11.67 -18.11
CA VAL A 261 -1.63 -10.87 -17.73
C VAL A 261 -2.08 -9.64 -16.94
N TYR A 262 -1.73 -9.62 -15.66
CA TYR A 262 -2.06 -8.50 -14.81
C TYR A 262 -0.79 -7.68 -14.55
N HIS A 263 -0.82 -6.43 -14.98
CA HIS A 263 0.29 -5.51 -14.81
C HIS A 263 -0.29 -4.14 -14.45
N GLN A 264 0.42 -3.40 -13.61
CA GLN A 264 -0.01 -2.07 -13.18
C GLN A 264 -0.06 -1.06 -14.34
N GLY A 265 0.76 -1.27 -15.36
CA GLY A 265 0.78 -0.35 -16.50
C GLY A 265 -0.34 -0.59 -17.51
N LEU A 266 -1.09 -1.67 -17.35
CA LEU A 266 -2.18 -1.99 -18.27
C LEU A 266 -3.51 -1.40 -17.84
N PRO A 267 -4.21 -0.75 -18.81
CA PRO A 267 -5.50 -0.11 -18.57
C PRO A 267 -6.50 -1.14 -18.06
N GLU A 268 -6.24 -2.41 -18.40
CA GLU A 268 -7.08 -3.54 -17.99
C GLU A 268 -6.30 -4.83 -18.28
N PRO A 269 -6.46 -5.86 -17.43
CA PRO A 269 -5.76 -7.13 -17.61
C PRO A 269 -5.92 -7.72 -19.00
N LEU A 270 -4.87 -8.32 -19.53
CA LEU A 270 -4.95 -8.91 -20.85
C LEU A 270 -5.46 -10.33 -20.82
N THR A 271 -6.19 -10.70 -21.87
CA THR A 271 -6.72 -12.05 -22.04
C THR A 271 -6.04 -12.63 -23.28
N LEU A 272 -5.37 -13.77 -23.11
CA LEU A 272 -4.66 -14.40 -24.20
C LEU A 272 -5.08 -15.83 -24.55
N ARG A 273 -4.99 -16.12 -25.85
CA ARG A 273 -5.38 -17.40 -26.39
C ARG A 273 -4.38 -17.86 -27.45
N TRP A 274 -4.21 -19.17 -27.59
CA TRP A 274 -3.30 -19.72 -28.59
C TRP A 274 -3.92 -19.46 -29.98
N GLU A 275 -3.25 -18.64 -30.79
CA GLU A 275 -3.76 -18.29 -32.12
C GLU A 275 -3.10 -19.08 -33.29
N PRO A 276 -3.88 -19.98 -33.94
CA PRO A 276 -3.34 -20.77 -35.06
C PRO A 276 -3.07 -19.91 -36.30
N LYS B 1 21.79 10.15 0.17
CA LYS B 1 23.12 10.26 0.84
C LYS B 1 23.35 9.20 1.90
N VAL B 2 24.36 8.39 1.68
CA VAL B 2 24.65 7.29 2.59
C VAL B 2 25.20 7.81 3.91
N ILE B 3 24.79 7.14 4.99
CA ILE B 3 25.23 7.48 6.33
C ILE B 3 26.69 7.04 6.36
N THR B 4 27.39 7.39 7.43
CA THR B 4 28.79 7.00 7.65
C THR B 4 28.72 5.77 8.60
N PHE B 5 29.53 4.74 8.37
CA PHE B 5 29.41 3.57 9.21
C PHE B 5 30.44 3.43 10.31
N ILE B 6 30.00 3.09 11.52
CA ILE B 6 30.95 2.91 12.62
C ILE B 6 31.53 1.48 12.62
N ASP B 7 31.98 1.02 13.78
CA ASP B 7 32.61 -0.29 13.87
C ASP B 7 31.81 -1.36 14.58
N LEU B 8 32.04 -2.60 14.16
CA LEU B 8 31.37 -3.75 14.74
C LEU B 8 32.19 -4.22 15.95
N ILE C 1 26.73 -20.74 4.92
CA ILE C 1 25.49 -20.46 4.12
C ILE C 1 25.78 -19.93 2.72
N GLN C 2 25.90 -20.86 1.78
CA GLN C 2 26.15 -20.52 0.37
C GLN C 2 24.92 -21.00 -0.40
N LYS C 3 24.14 -20.06 -0.92
CA LYS C 3 22.94 -20.41 -1.69
C LYS C 3 23.32 -20.90 -3.10
N THR C 4 22.55 -21.86 -3.63
CA THR C 4 22.84 -22.40 -4.96
C THR C 4 22.34 -21.49 -6.07
N PRO C 5 23.25 -21.04 -6.94
CA PRO C 5 22.95 -20.16 -8.07
C PRO C 5 21.91 -20.68 -9.07
N GLN C 6 21.01 -19.78 -9.47
CA GLN C 6 19.95 -20.07 -10.42
C GLN C 6 20.37 -19.49 -11.75
N ILE C 7 20.16 -20.23 -12.83
CA ILE C 7 20.58 -19.71 -14.14
C ILE C 7 19.46 -19.71 -15.13
N GLN C 8 19.44 -18.69 -15.96
CA GLN C 8 18.45 -18.57 -17.00
C GLN C 8 19.18 -18.07 -18.23
N VAL C 9 19.01 -18.77 -19.35
CA VAL C 9 19.66 -18.36 -20.58
C VAL C 9 18.51 -18.06 -21.51
N TYR C 10 18.44 -16.82 -21.98
CA TYR C 10 17.36 -16.41 -22.87
C TYR C 10 17.88 -15.30 -23.77
N SER C 11 17.04 -14.74 -24.62
CA SER C 11 17.49 -13.67 -25.50
C SER C 11 16.70 -12.41 -25.23
N ARG C 12 17.24 -11.25 -25.58
CA ARG C 12 16.54 -10.00 -25.33
C ARG C 12 15.19 -9.98 -26.09
N HIS C 13 15.19 -10.34 -27.36
CA HIS C 13 13.96 -10.34 -28.14
C HIS C 13 13.66 -11.75 -28.62
N PRO C 14 12.43 -11.99 -29.11
CA PRO C 14 12.05 -13.33 -29.61
C PRO C 14 13.05 -13.67 -30.72
N PRO C 15 13.68 -14.86 -30.64
CA PRO C 15 14.67 -15.31 -31.62
C PRO C 15 14.19 -15.56 -33.04
N GLU C 16 15.07 -15.29 -34.00
CA GLU C 16 14.79 -15.49 -35.40
C GLU C 16 16.12 -15.73 -36.10
N ASN C 17 16.25 -16.88 -36.74
CA ASN C 17 17.50 -17.20 -37.43
C ASN C 17 17.83 -16.08 -38.37
N GLY C 18 19.08 -15.63 -38.30
CA GLY C 18 19.52 -14.56 -39.18
C GLY C 18 19.46 -13.21 -38.52
N LYS C 19 18.36 -12.94 -37.82
CA LYS C 19 18.14 -11.65 -37.15
C LYS C 19 18.90 -11.51 -35.82
N PRO C 20 19.92 -10.62 -35.76
CA PRO C 20 20.72 -10.39 -34.56
C PRO C 20 19.90 -10.06 -33.32
N ASN C 21 20.29 -10.68 -32.21
CA ASN C 21 19.62 -10.51 -30.92
C ASN C 21 20.73 -10.38 -29.89
N ILE C 22 20.33 -10.39 -28.62
CA ILE C 22 21.26 -10.34 -27.50
C ILE C 22 20.96 -11.58 -26.65
N LEU C 23 21.99 -12.37 -26.38
CA LEU C 23 21.81 -13.56 -25.56
C LEU C 23 22.19 -13.20 -24.13
N ASN C 24 21.25 -13.41 -23.24
CA ASN C 24 21.41 -13.13 -21.81
C ASN C 24 21.63 -14.37 -20.98
N CYS C 25 22.33 -14.19 -19.85
CA CYS C 25 22.55 -15.27 -18.90
C CYS C 25 22.37 -14.61 -17.54
N TYR C 26 21.25 -14.94 -16.88
CA TYR C 26 20.89 -14.35 -15.60
C TYR C 26 21.17 -15.29 -14.45
N VAL C 27 22.19 -14.99 -13.65
CA VAL C 27 22.49 -15.85 -12.51
C VAL C 27 22.08 -15.13 -11.26
N THR C 28 21.36 -15.81 -10.38
CA THR C 28 20.90 -15.22 -9.15
C THR C 28 21.05 -16.16 -7.94
N GLN C 29 20.55 -15.72 -6.80
CA GLN C 29 20.58 -16.50 -5.56
C GLN C 29 21.91 -17.12 -5.16
N PHE C 30 23.01 -16.42 -5.35
CA PHE C 30 24.29 -17.00 -4.93
C PHE C 30 25.08 -16.21 -3.90
N HIS C 31 25.86 -16.95 -3.13
CA HIS C 31 26.73 -16.37 -2.10
C HIS C 31 27.73 -17.49 -1.81
N PRO C 32 29.02 -17.14 -1.70
CA PRO C 32 29.66 -15.82 -1.84
C PRO C 32 29.49 -15.15 -3.19
N PRO C 33 29.95 -13.90 -3.29
CA PRO C 33 29.84 -13.13 -4.54
C PRO C 33 30.82 -13.46 -5.67
N HIS C 34 31.89 -14.20 -5.38
CA HIS C 34 32.83 -14.51 -6.45
C HIS C 34 32.20 -15.58 -7.30
N ILE C 35 32.18 -15.37 -8.61
CA ILE C 35 31.58 -16.32 -9.50
C ILE C 35 32.17 -16.22 -10.90
N GLU C 36 32.42 -17.38 -11.48
CA GLU C 36 32.98 -17.49 -12.82
C GLU C 36 31.80 -17.77 -13.75
N ILE C 37 31.55 -16.88 -14.72
CA ILE C 37 30.44 -17.06 -15.67
C ILE C 37 30.92 -17.01 -17.12
N GLN C 38 30.59 -18.04 -17.88
CA GLN C 38 30.99 -18.16 -19.28
C GLN C 38 29.85 -18.43 -20.22
N MET C 39 29.99 -17.90 -21.43
CA MET C 39 28.99 -18.10 -22.45
C MET C 39 29.66 -18.81 -23.60
N LEU C 40 29.03 -19.89 -24.04
CA LEU C 40 29.58 -20.76 -25.07
C LEU C 40 28.80 -20.80 -26.37
N LYS C 41 29.51 -21.06 -27.46
CA LYS C 41 28.92 -21.17 -28.78
C LYS C 41 29.51 -22.41 -29.37
N ASN C 42 28.71 -23.46 -29.47
CA ASN C 42 29.13 -24.73 -30.02
C ASN C 42 30.33 -25.29 -29.25
N GLY C 43 30.29 -25.14 -27.94
CA GLY C 43 31.35 -25.65 -27.10
C GLY C 43 32.51 -24.74 -26.76
N LYS C 44 32.70 -23.67 -27.53
CA LYS C 44 33.82 -22.73 -27.30
C LYS C 44 33.38 -21.50 -26.53
N LYS C 45 34.31 -20.89 -25.79
CA LYS C 45 34.00 -19.69 -25.02
C LYS C 45 33.88 -18.47 -25.90
N ILE C 46 32.82 -17.69 -25.70
CA ILE C 46 32.60 -16.47 -26.46
C ILE C 46 33.44 -15.39 -25.76
N PRO C 47 34.28 -14.66 -26.51
CA PRO C 47 35.15 -13.61 -25.95
C PRO C 47 34.47 -12.31 -25.55
N LYS C 48 33.53 -11.86 -26.36
CA LYS C 48 32.81 -10.62 -26.13
C LYS C 48 31.64 -10.78 -25.13
N VAL C 49 31.94 -10.84 -23.82
CA VAL C 49 30.88 -11.00 -22.83
C VAL C 49 30.86 -9.93 -21.76
N GLU C 50 29.81 -9.10 -21.76
CA GLU C 50 29.66 -8.04 -20.79
C GLU C 50 28.85 -8.51 -19.60
N MET C 51 29.30 -8.18 -18.40
CA MET C 51 28.60 -8.57 -17.17
C MET C 51 28.07 -7.33 -16.47
N SER C 52 26.91 -7.41 -15.83
CA SER C 52 26.37 -6.27 -15.11
C SER C 52 27.25 -6.06 -13.89
N ASP C 53 27.14 -4.90 -13.25
CA ASP C 53 27.93 -4.65 -12.04
C ASP C 53 27.23 -5.51 -10.99
N MET C 54 27.98 -6.13 -10.09
CA MET C 54 27.33 -6.99 -9.14
C MET C 54 26.42 -6.22 -8.23
N SER C 55 25.39 -6.91 -7.75
CA SER C 55 24.41 -6.32 -6.87
C SER C 55 23.90 -7.47 -6.02
N PHE C 56 23.28 -7.15 -4.90
CA PHE C 56 22.74 -8.18 -4.05
C PHE C 56 21.31 -7.77 -3.72
N SER C 57 20.55 -8.67 -3.11
CA SER C 57 19.18 -8.34 -2.81
C SER C 57 18.80 -8.49 -1.35
N LYS C 58 17.59 -8.06 -1.05
CA LYS C 58 17.02 -8.11 0.28
C LYS C 58 17.48 -9.27 1.17
N ASP C 59 17.68 -10.45 0.59
CA ASP C 59 18.07 -11.62 1.36
C ASP C 59 19.55 -11.92 1.31
N TRP C 60 20.33 -10.88 0.99
CA TRP C 60 21.81 -10.92 0.90
C TRP C 60 22.40 -11.74 -0.24
N SER C 61 21.56 -12.27 -1.11
CA SER C 61 22.11 -13.06 -2.20
C SER C 61 22.42 -12.14 -3.37
N PHE C 62 23.51 -12.44 -4.06
CA PHE C 62 23.91 -11.66 -5.21
C PHE C 62 23.22 -12.14 -6.48
N TYR C 63 23.34 -11.35 -7.53
CA TYR C 63 22.74 -11.66 -8.80
C TYR C 63 23.52 -10.87 -9.82
N ILE C 64 23.72 -11.46 -10.98
CA ILE C 64 24.48 -10.83 -12.02
C ILE C 64 23.91 -11.21 -13.40
N LEU C 65 24.01 -10.28 -14.35
CA LEU C 65 23.52 -10.54 -15.69
C LEU C 65 24.61 -10.40 -16.73
N ALA C 66 24.97 -11.51 -17.35
CA ALA C 66 25.98 -11.52 -18.40
C ALA C 66 25.24 -11.48 -19.73
N HIS C 67 25.91 -11.03 -20.79
CA HIS C 67 25.30 -11.03 -22.10
C HIS C 67 26.34 -10.90 -23.19
N THR C 68 25.86 -10.90 -24.43
CA THR C 68 26.74 -10.83 -25.60
C THR C 68 25.86 -10.87 -26.83
N GLU C 69 26.25 -10.12 -27.85
CA GLU C 69 25.48 -10.10 -29.09
C GLU C 69 25.62 -11.43 -29.79
N PHE C 70 24.55 -11.87 -30.42
CA PHE C 70 24.60 -13.12 -31.15
C PHE C 70 23.44 -13.08 -32.11
N THR C 71 23.57 -13.86 -33.16
CA THR C 71 22.54 -13.93 -34.16
C THR C 71 22.31 -15.45 -34.39
N PRO C 72 21.20 -15.95 -33.87
CA PRO C 72 20.82 -17.36 -33.96
C PRO C 72 20.59 -17.90 -35.36
N THR C 73 20.92 -19.19 -35.50
CA THR C 73 20.77 -19.92 -36.74
C THR C 73 20.07 -21.21 -36.34
N GLU C 74 19.72 -22.04 -37.32
CA GLU C 74 19.04 -23.29 -37.03
C GLU C 74 19.91 -24.30 -36.27
N THR C 75 21.19 -24.36 -36.61
CA THR C 75 22.09 -25.31 -35.98
C THR C 75 22.88 -24.92 -34.75
N ASP C 76 23.39 -23.70 -34.70
CA ASP C 76 24.20 -23.24 -33.58
C ASP C 76 23.64 -23.48 -32.21
N THR C 77 24.54 -23.85 -31.31
CA THR C 77 24.22 -24.14 -29.92
C THR C 77 24.84 -23.08 -29.03
N TYR C 78 24.10 -22.66 -28.00
CA TYR C 78 24.60 -21.66 -27.04
C TYR C 78 24.32 -22.09 -25.60
N ALA C 79 25.25 -21.82 -24.69
CA ALA C 79 25.07 -22.18 -23.30
C ALA C 79 25.78 -21.20 -22.35
N CYS C 80 25.51 -21.32 -21.06
CA CYS C 80 26.13 -20.46 -20.05
C CYS C 80 26.68 -21.40 -19.01
N ARG C 81 27.99 -21.33 -18.76
CA ARG C 81 28.59 -22.21 -17.77
C ARG C 81 28.99 -21.41 -16.54
N VAL C 82 28.52 -21.87 -15.39
CA VAL C 82 28.76 -21.18 -14.13
C VAL C 82 29.61 -21.97 -13.11
N LYS C 83 30.66 -21.33 -12.61
CA LYS C 83 31.53 -21.95 -11.59
C LYS C 83 31.28 -21.22 -10.28
N HIS C 84 30.96 -21.97 -9.23
CA HIS C 84 30.72 -21.35 -7.94
C HIS C 84 30.94 -22.30 -6.78
N ASP C 85 31.67 -21.82 -5.78
CA ASP C 85 32.00 -22.59 -4.58
C ASP C 85 30.87 -23.47 -4.09
N SER C 86 29.65 -22.94 -4.08
CA SER C 86 28.50 -23.69 -3.62
C SER C 86 28.19 -24.95 -4.44
N MET C 87 28.76 -25.06 -5.64
CA MET C 87 28.51 -26.22 -6.49
C MET C 87 29.66 -27.23 -6.58
N ALA C 88 29.32 -28.51 -6.41
CA ALA C 88 30.29 -29.60 -6.50
C ALA C 88 31.22 -29.33 -7.68
N GLU C 89 30.62 -29.10 -8.85
CA GLU C 89 31.37 -28.76 -10.05
C GLU C 89 30.44 -27.96 -10.96
N PRO C 90 30.99 -27.28 -11.98
CA PRO C 90 30.28 -26.44 -12.95
C PRO C 90 28.86 -26.80 -13.30
N LYS C 91 28.11 -25.79 -13.74
CA LYS C 91 26.73 -26.02 -14.14
C LYS C 91 26.58 -25.37 -15.49
N THR C 92 26.10 -26.13 -16.48
CA THR C 92 25.89 -25.58 -17.80
C THR C 92 24.40 -25.58 -18.08
N VAL C 93 23.94 -24.57 -18.82
CA VAL C 93 22.54 -24.45 -19.16
C VAL C 93 22.52 -24.01 -20.61
N TYR C 94 21.90 -24.82 -21.45
CA TYR C 94 21.85 -24.50 -22.86
C TYR C 94 20.71 -23.55 -23.15
N TRP C 95 20.91 -22.67 -24.13
CA TRP C 95 19.86 -21.75 -24.52
C TRP C 95 18.85 -22.58 -25.30
N ASP C 96 17.59 -22.40 -24.95
CA ASP C 96 16.50 -23.13 -25.58
C ASP C 96 15.59 -22.07 -26.18
N ARG C 97 15.57 -21.97 -27.49
CA ARG C 97 14.76 -21.00 -28.23
C ARG C 97 13.31 -20.80 -27.75
N ASP C 98 12.73 -21.84 -27.16
CA ASP C 98 11.33 -21.78 -26.69
C ASP C 98 11.19 -21.25 -25.27
N MET C 99 12.30 -21.22 -24.54
CA MET C 99 12.32 -20.78 -23.15
C MET C 99 12.91 -19.36 -23.02
N GLN D 1 35.85 31.73 6.32
CA GLN D 1 34.94 32.27 5.27
C GLN D 1 33.61 31.50 5.17
N GLN D 2 33.59 30.27 5.70
CA GLN D 2 32.39 29.44 5.66
C GLN D 2 31.37 29.83 6.70
N VAL D 3 31.86 30.20 7.88
CA VAL D 3 31.00 30.65 8.96
C VAL D 3 31.58 31.97 9.44
N ARG D 4 30.72 32.90 9.83
CA ARG D 4 31.20 34.17 10.31
C ARG D 4 30.12 34.79 11.17
N GLN D 5 30.48 35.12 12.39
CA GLN D 5 29.54 35.72 13.32
C GLN D 5 29.84 37.21 13.51
N SER D 6 29.06 37.85 14.38
CA SER D 6 29.21 39.27 14.66
C SER D 6 28.15 39.62 15.69
N PRO D 7 28.40 40.65 16.50
CA PRO D 7 29.61 41.49 16.56
C PRO D 7 30.71 40.76 17.31
N GLN D 8 31.97 41.14 17.09
CA GLN D 8 33.06 40.46 17.79
C GLN D 8 33.15 40.81 19.29
N SER D 9 32.50 41.90 19.69
CA SER D 9 32.51 42.32 21.08
C SER D 9 31.11 42.74 21.50
N LEU D 10 30.75 42.50 22.75
CA LEU D 10 29.43 42.88 23.22
C LEU D 10 29.38 42.94 24.75
N THR D 11 28.72 43.99 25.25
CA THR D 11 28.56 44.20 26.68
C THR D 11 27.09 44.36 26.97
N VAL D 12 26.66 43.87 28.13
CA VAL D 12 25.26 43.96 28.51
C VAL D 12 25.10 43.97 30.02
N TRP D 13 24.09 44.68 30.51
CA TRP D 13 23.85 44.74 31.95
C TRP D 13 23.16 43.46 32.41
N GLU D 14 23.62 42.92 33.53
CA GLU D 14 23.04 41.71 34.07
C GLU D 14 21.52 41.76 34.09
N GLY D 15 20.88 40.64 33.78
CA GLY D 15 19.43 40.59 33.76
C GLY D 15 18.93 40.99 32.39
N GLU D 16 19.85 41.47 31.55
CA GLU D 16 19.53 41.92 30.20
C GLU D 16 19.76 40.85 29.14
N THR D 17 19.16 41.04 27.96
CA THR D 17 19.28 40.09 26.87
C THR D 17 20.35 40.41 25.83
N ALA D 18 21.39 39.58 25.81
CA ALA D 18 22.46 39.73 24.83
C ALA D 18 22.02 38.98 23.59
N ILE D 19 22.50 39.42 22.44
CA ILE D 19 22.11 38.80 21.19
C ILE D 19 23.27 38.67 20.22
N LEU D 20 23.68 37.44 19.94
CA LEU D 20 24.81 37.20 19.03
C LEU D 20 24.36 36.61 17.69
N ASN D 21 24.82 37.23 16.61
CA ASN D 21 24.48 36.78 15.25
C ASN D 21 25.52 35.79 14.71
N CYS D 22 25.18 35.15 13.58
CA CYS D 22 26.04 34.19 12.91
C CYS D 22 25.43 33.88 11.54
N SER D 23 26.29 33.63 10.55
CA SER D 23 25.78 33.33 9.21
C SER D 23 26.75 32.41 8.47
N TYR D 24 26.25 31.68 7.48
CA TYR D 24 27.11 30.74 6.77
C TYR D 24 26.80 30.69 5.28
N GLU D 25 27.71 30.08 4.51
CA GLU D 25 27.52 29.99 3.08
C GLU D 25 27.26 28.60 2.47
N ASP D 26 27.48 27.52 3.22
CA ASP D 26 27.21 26.19 2.69
C ASP D 26 25.82 25.75 3.13
N SER D 27 24.89 25.78 2.17
CA SER D 27 23.49 25.44 2.39
C SER D 27 23.29 23.97 2.74
N THR D 28 24.40 23.23 2.74
CA THR D 28 24.39 21.81 3.05
C THR D 28 24.67 21.56 4.53
N PHE D 29 25.10 22.58 5.25
CA PHE D 29 25.38 22.46 6.68
C PHE D 29 24.09 22.03 7.36
N ASN D 30 24.14 20.93 8.10
CA ASN D 30 22.96 20.43 8.77
C ASN D 30 23.02 20.50 10.29
N TYR D 31 24.20 20.79 10.82
CA TYR D 31 24.32 20.85 12.27
C TYR D 31 25.07 22.10 12.69
N PHE D 32 24.52 22.80 13.67
CA PHE D 32 25.14 24.02 14.17
C PHE D 32 25.31 24.05 15.69
N PRO D 33 26.50 23.70 16.17
CA PRO D 33 26.65 23.74 17.63
C PRO D 33 27.28 25.07 18.11
N TRP D 34 26.85 25.54 19.27
CA TRP D 34 27.41 26.76 19.83
C TRP D 34 28.26 26.37 21.02
N TYR D 35 29.52 26.80 20.99
CA TYR D 35 30.46 26.51 22.06
C TYR D 35 30.75 27.75 22.89
N GLN D 36 30.87 27.55 24.20
CA GLN D 36 31.15 28.61 25.15
C GLN D 36 32.59 28.46 25.70
N GLN D 37 33.45 29.44 25.40
CA GLN D 37 34.83 29.36 25.88
C GLN D 37 35.21 30.42 26.90
N PHE D 38 35.58 29.95 28.10
CA PHE D 38 36.02 30.81 29.19
C PHE D 38 37.54 30.90 29.08
N PRO D 39 38.08 32.12 29.21
CA PRO D 39 39.54 32.21 29.11
C PRO D 39 40.20 31.14 30.00
N GLY D 40 41.05 30.31 29.40
CA GLY D 40 41.71 29.27 30.17
C GLY D 40 41.61 27.85 29.62
N GLU D 41 40.40 27.40 29.30
CA GLU D 41 40.22 26.04 28.78
C GLU D 41 39.46 25.95 27.45
N GLY D 42 39.49 24.76 26.86
CA GLY D 42 38.84 24.49 25.59
C GLY D 42 37.38 24.88 25.40
N PRO D 43 36.90 24.89 24.14
CA PRO D 43 35.51 25.25 23.87
C PRO D 43 34.58 24.14 24.37
N ALA D 44 33.50 24.54 25.02
CA ALA D 44 32.56 23.58 25.56
C ALA D 44 31.19 23.84 24.97
N LEU D 45 30.53 22.77 24.55
CA LEU D 45 29.19 22.91 23.95
C LEU D 45 28.22 23.62 24.87
N LEU D 46 27.54 24.62 24.34
CA LEU D 46 26.56 25.38 25.12
C LEU D 46 25.16 24.95 24.71
N ILE D 47 24.89 25.01 23.41
CA ILE D 47 23.59 24.65 22.86
C ILE D 47 23.73 24.39 21.35
N SER D 48 23.02 23.39 20.84
CA SER D 48 23.09 23.06 19.41
C SER D 48 21.70 22.88 18.82
N ILE D 49 21.63 22.95 17.49
CA ILE D 49 20.36 22.83 16.76
C ILE D 49 20.59 22.08 15.43
N ARG D 50 19.56 21.38 14.96
CA ARG D 50 19.66 20.64 13.69
C ARG D 50 18.94 21.48 12.64
N SER D 51 19.43 21.45 11.41
CA SER D 51 18.85 22.23 10.32
C SER D 51 17.36 21.96 10.12
N VAL D 52 16.89 20.82 10.63
CA VAL D 52 15.49 20.45 10.51
C VAL D 52 14.61 21.24 11.48
N SER D 53 15.23 21.97 12.42
CA SER D 53 14.49 22.79 13.37
C SER D 53 14.82 24.25 13.11
N ASP D 54 14.10 25.14 13.80
CA ASP D 54 14.34 26.57 13.62
C ASP D 54 14.41 27.29 14.97
N LYS D 55 14.23 26.54 16.04
CA LYS D 55 14.28 27.12 17.38
C LYS D 55 14.74 26.08 18.38
N LYS D 56 15.70 26.44 19.23
CA LYS D 56 16.23 25.54 20.24
C LYS D 56 16.36 26.31 21.55
N GLU D 57 15.60 25.90 22.57
CA GLU D 57 15.61 26.58 23.86
C GLU D 57 16.07 25.73 25.04
N ASP D 58 17.04 26.25 25.80
CA ASP D 58 17.57 25.55 26.96
C ASP D 58 18.00 26.55 28.02
N GLY D 59 17.25 26.62 29.12
CA GLY D 59 17.59 27.56 30.17
C GLY D 59 17.43 29.00 29.73
N ARG D 60 18.54 29.73 29.68
CA ARG D 60 18.49 31.13 29.25
C ARG D 60 18.97 31.36 27.82
N PHE D 61 19.37 30.30 27.15
CA PHE D 61 19.88 30.39 25.79
C PHE D 61 18.88 29.92 24.73
N THR D 62 18.93 30.55 23.57
CA THR D 62 17.97 30.24 22.51
C THR D 62 18.57 30.40 21.12
N ILE D 63 18.55 29.33 20.33
CA ILE D 63 19.07 29.43 18.98
C ILE D 63 17.90 29.70 18.05
N PHE D 64 18.10 30.67 17.17
CA PHE D 64 17.12 31.06 16.16
C PHE D 64 17.77 30.66 14.85
N PHE D 65 17.09 29.82 14.08
CA PHE D 65 17.64 29.37 12.82
C PHE D 65 16.74 29.76 11.65
N ASN D 66 17.34 30.34 10.63
CA ASN D 66 16.61 30.76 9.45
C ASN D 66 17.30 30.09 8.27
N LYS D 67 16.90 28.86 8.01
CA LYS D 67 17.46 28.06 6.92
C LYS D 67 17.36 28.79 5.58
N ARG D 68 16.33 29.64 5.44
CA ARG D 68 16.12 30.36 4.19
C ARG D 68 17.26 31.33 3.95
N GLU D 69 17.53 32.15 4.96
CA GLU D 69 18.58 33.15 4.87
C GLU D 69 19.99 32.73 5.29
N LYS D 70 20.17 31.47 5.68
CA LYS D 70 21.48 30.98 6.12
C LYS D 70 21.95 31.87 7.27
N LYS D 71 21.15 31.98 8.31
CA LYS D 71 21.50 32.84 9.45
C LYS D 71 20.93 32.29 10.74
N LEU D 72 21.73 32.33 11.80
CA LEU D 72 21.26 31.89 13.11
C LEU D 72 21.66 32.93 14.13
N SER D 73 21.14 32.79 15.34
CA SER D 73 21.49 33.71 16.38
C SER D 73 21.26 33.07 17.73
N LEU D 74 22.02 33.52 18.72
CA LEU D 74 21.88 33.00 20.07
C LEU D 74 21.41 34.15 20.95
N HIS D 75 20.39 33.89 21.74
CA HIS D 75 19.87 34.89 22.64
C HIS D 75 20.17 34.49 24.06
N ILE D 76 21.02 35.27 24.71
CA ILE D 76 21.34 35.02 26.10
C ILE D 76 20.38 35.93 26.85
N THR D 77 19.16 35.45 27.04
CA THR D 77 18.13 36.22 27.72
C THR D 77 18.45 36.20 29.20
N ASP D 78 18.33 37.37 29.83
CA ASP D 78 18.62 37.49 31.25
C ASP D 78 20.09 37.14 31.45
N SER D 79 20.98 38.01 30.95
CA SER D 79 22.41 37.78 31.04
C SER D 79 22.88 37.56 32.46
N GLN D 80 24.19 37.56 32.63
CA GLN D 80 24.74 37.33 33.96
C GLN D 80 26.25 37.40 34.10
N PRO D 81 26.73 37.67 35.31
CA PRO D 81 28.16 37.73 35.56
C PRO D 81 28.55 36.26 35.59
N GLY D 82 29.13 35.80 34.50
CA GLY D 82 29.50 34.40 34.40
C GLY D 82 29.23 33.99 32.96
N ASP D 83 28.13 34.49 32.41
CA ASP D 83 27.79 34.20 31.03
C ASP D 83 28.86 34.91 30.20
N SER D 84 29.68 35.72 30.87
CA SER D 84 30.73 36.44 30.16
C SER D 84 31.81 35.46 29.71
N ALA D 85 32.02 35.42 28.39
CA ALA D 85 33.03 34.54 27.80
C ALA D 85 32.99 34.73 26.30
N THR D 86 33.76 33.93 25.57
CA THR D 86 33.75 34.02 24.11
C THR D 86 32.79 32.94 23.56
N TYR D 87 31.98 33.32 22.58
CA TYR D 87 31.01 32.42 21.99
C TYR D 87 31.22 32.09 20.52
N PHE D 88 31.46 30.81 20.22
CA PHE D 88 31.65 30.39 18.84
C PHE D 88 30.39 29.75 18.29
N CYS D 89 30.21 29.93 16.99
CA CYS D 89 29.09 29.42 16.24
C CYS D 89 29.73 28.52 15.22
N ALA D 90 29.42 27.23 15.28
CA ALA D 90 30.01 26.28 14.37
C ALA D 90 28.97 25.64 13.50
N ALA D 91 29.45 24.99 12.44
CA ALA D 91 28.56 24.30 11.51
C ALA D 91 29.30 23.17 10.80
N ARG D 92 28.54 22.21 10.26
CA ARG D 92 29.12 21.07 9.55
C ARG D 92 28.10 20.45 8.60
N TYR D 93 28.55 19.62 7.68
CA TYR D 93 27.64 18.95 6.77
C TYR D 93 27.81 17.43 6.89
N GLN D 94 26.73 16.71 6.68
CA GLN D 94 26.74 15.25 6.77
C GLN D 94 27.92 14.61 6.00
N GLY D 95 28.69 13.79 6.69
CA GLY D 95 29.82 13.14 6.03
C GLY D 95 31.07 13.97 5.98
N GLY D 96 30.96 15.23 6.44
CA GLY D 96 32.10 16.13 6.43
C GLY D 96 33.10 15.83 7.55
N ARG D 97 34.40 15.96 7.26
CA ARG D 97 35.42 15.67 8.26
C ARG D 97 35.65 16.81 9.25
N ALA D 98 35.43 18.05 8.82
CA ALA D 98 35.69 19.19 9.67
C ALA D 98 34.49 19.88 10.27
N LEU D 99 34.75 20.59 11.36
CA LEU D 99 33.71 21.37 12.04
C LEU D 99 34.15 22.82 11.78
N ILE D 100 33.34 23.56 11.03
CA ILE D 100 33.72 24.95 10.76
C ILE D 100 33.26 25.89 11.85
N PHE D 101 34.20 26.67 12.35
CA PHE D 101 33.93 27.62 13.42
C PHE D 101 33.85 29.08 13.01
N GLY D 102 32.89 29.79 13.59
CA GLY D 102 32.74 31.21 13.30
C GLY D 102 33.90 31.92 13.98
N THR D 103 34.12 33.19 13.66
CA THR D 103 35.25 33.93 14.25
C THR D 103 35.11 34.31 15.72
N GLY D 104 34.10 33.83 16.40
CA GLY D 104 33.95 34.15 17.81
C GLY D 104 33.37 35.53 18.11
N THR D 105 32.74 35.61 19.27
CA THR D 105 32.12 36.83 19.79
C THR D 105 32.34 36.86 21.31
N THR D 106 33.17 37.79 21.75
CA THR D 106 33.47 37.88 23.18
C THR D 106 32.37 38.67 23.87
N VAL D 107 31.83 38.13 24.95
CA VAL D 107 30.73 38.76 25.69
C VAL D 107 31.05 39.09 27.15
N SER D 108 30.78 40.33 27.52
CA SER D 108 31.00 40.80 28.88
C SER D 108 29.71 41.32 29.48
N VAL D 109 29.27 40.69 30.56
CA VAL D 109 28.05 41.09 31.25
C VAL D 109 28.43 41.75 32.57
N SER D 110 28.42 43.09 32.60
CA SER D 110 28.80 43.81 33.80
C SER D 110 27.60 44.15 34.68
N PRO D 111 27.68 43.78 35.98
CA PRO D 111 26.61 44.04 36.95
C PRO D 111 26.33 45.52 37.15
N VAL E 1 34.14 13.52 29.26
CA VAL E 1 35.58 13.80 29.54
C VAL E 1 36.34 12.51 29.85
N THR E 2 37.60 12.47 29.39
CA THR E 2 38.49 11.33 29.58
C THR E 2 38.31 10.21 28.56
N LEU E 3 38.41 10.57 27.27
CA LEU E 3 38.32 9.61 26.18
C LEU E 3 39.72 9.65 25.60
N LEU E 4 40.32 10.82 25.73
CA LEU E 4 41.67 11.09 25.25
C LEU E 4 42.55 11.43 26.44
N GLU E 5 43.84 11.48 26.15
CA GLU E 5 44.81 11.85 27.14
C GLU E 5 45.84 12.56 26.30
N GLN E 6 45.84 13.89 26.39
CA GLN E 6 46.75 14.71 25.61
C GLN E 6 47.75 15.43 26.50
N ASN E 7 49.02 15.31 26.17
CA ASN E 7 50.08 15.96 26.94
C ASN E 7 51.25 16.46 26.09
N PRO E 8 51.93 17.52 26.56
CA PRO E 8 51.70 18.28 27.80
C PRO E 8 50.52 19.26 27.71
N ARG E 9 50.25 20.00 28.79
CA ARG E 9 49.15 20.95 28.76
C ARG E 9 49.61 22.36 28.37
N TRP E 10 50.88 22.66 28.65
CA TRP E 10 51.47 23.94 28.29
C TRP E 10 52.88 23.64 27.85
N ARG E 11 53.40 24.41 26.90
CA ARG E 11 54.75 24.14 26.43
C ARG E 11 55.45 25.33 25.77
N LEU E 12 56.78 25.37 25.89
CA LEU E 12 57.60 26.44 25.33
C LEU E 12 58.41 25.95 24.13
N VAL E 13 58.48 26.77 23.09
CA VAL E 13 59.21 26.33 21.91
C VAL E 13 60.31 27.20 21.32
N PRO E 14 61.55 26.71 21.37
CA PRO E 14 62.68 27.47 20.80
C PRO E 14 62.36 27.64 19.32
N ARG E 15 62.22 28.89 18.89
CA ARG E 15 61.86 29.20 17.51
C ARG E 15 62.64 28.51 16.37
N GLY E 16 63.73 27.83 16.70
CA GLY E 16 64.48 27.16 15.64
C GLY E 16 64.08 25.71 15.53
N GLN E 17 63.59 25.16 16.64
CA GLN E 17 63.18 23.76 16.74
C GLN E 17 61.68 23.43 16.56
N ALA E 18 61.41 22.15 16.32
CA ALA E 18 60.05 21.63 16.13
C ALA E 18 59.57 20.94 17.40
N VAL E 19 58.26 20.80 17.52
CA VAL E 19 57.68 20.15 18.69
C VAL E 19 56.94 18.89 18.23
N ASN E 20 56.75 17.96 19.17
CA ASN E 20 56.03 16.72 18.88
C ASN E 20 54.96 16.43 19.92
N LEU E 21 53.71 16.74 19.59
CA LEU E 21 52.57 16.48 20.47
C LEU E 21 52.07 15.05 20.25
N ARG E 22 51.39 14.49 21.24
CA ARG E 22 50.87 13.13 21.09
C ARG E 22 49.54 12.99 21.82
N CYS E 23 48.61 12.29 21.20
CA CYS E 23 47.29 12.08 21.77
C CYS E 23 47.04 10.60 21.94
N ILE E 24 46.66 10.21 23.14
CA ILE E 24 46.38 8.81 23.43
C ILE E 24 44.90 8.59 23.62
N LEU E 25 44.33 7.77 22.74
CA LEU E 25 42.92 7.44 22.78
C LEU E 25 42.65 6.43 23.88
N LYS E 26 41.69 6.72 24.74
CA LYS E 26 41.39 5.79 25.81
C LYS E 26 40.32 4.80 25.32
N ASN E 27 39.10 5.27 25.05
CA ASN E 27 38.03 4.38 24.56
C ASN E 27 38.16 4.21 23.06
N SER E 28 38.24 2.95 22.61
CA SER E 28 38.38 2.66 21.20
C SER E 28 37.11 2.72 20.36
N GLN E 29 35.95 2.86 21.00
CA GLN E 29 34.70 2.95 20.26
C GLN E 29 34.66 4.22 19.40
N TYR E 30 35.61 5.11 19.62
CA TYR E 30 35.67 6.36 18.87
C TYR E 30 37.05 6.48 18.24
N PRO E 31 37.28 5.71 17.16
CA PRO E 31 38.47 5.56 16.32
C PRO E 31 38.95 6.81 15.61
N TRP E 32 38.00 7.65 15.19
CA TRP E 32 38.33 8.85 14.46
C TRP E 32 38.99 9.90 15.33
N MET E 33 40.24 10.23 15.02
CA MET E 33 40.98 11.22 15.78
C MET E 33 41.38 12.40 14.92
N SER E 34 41.21 13.60 15.49
CA SER E 34 41.50 14.86 14.79
C SER E 34 42.38 15.82 15.56
N TRP E 35 42.79 16.88 14.85
CA TRP E 35 43.64 17.94 15.37
C TRP E 35 43.07 19.31 15.01
N TYR E 36 42.80 20.14 16.01
CA TYR E 36 42.29 21.48 15.77
C TYR E 36 43.25 22.45 16.40
N GLN E 37 43.34 23.66 15.85
CA GLN E 37 44.22 24.65 16.44
C GLN E 37 43.43 25.92 16.72
N GLN E 38 43.74 26.57 17.83
CA GLN E 38 43.11 27.86 18.14
C GLN E 38 44.26 28.86 18.14
N ASP E 39 44.31 29.76 17.17
CA ASP E 39 45.41 30.70 17.13
C ASP E 39 45.21 31.81 18.14
N LEU E 40 46.24 32.65 18.30
CA LEU E 40 46.18 33.70 19.29
C LEU E 40 44.99 34.66 19.29
N GLN E 41 44.29 34.79 18.16
CA GLN E 41 43.11 35.67 18.07
C GLN E 41 41.82 34.88 18.29
N LYS E 42 41.97 33.64 18.74
CA LYS E 42 40.85 32.73 19.05
C LYS E 42 40.17 31.98 17.92
N GLN E 43 40.79 31.87 16.76
CA GLN E 43 40.08 31.16 15.69
C GLN E 43 40.39 29.68 15.71
N LEU E 44 39.35 28.86 15.85
CA LEU E 44 39.51 27.41 15.85
C LEU E 44 39.53 26.92 14.42
N GLN E 45 40.38 25.94 14.15
CA GLN E 45 40.42 25.39 12.82
C GLN E 45 40.89 23.96 12.73
N TRP E 46 40.09 23.14 12.07
CA TRP E 46 40.39 21.74 11.86
C TRP E 46 41.69 21.64 11.07
N LEU E 47 42.50 20.64 11.42
CA LEU E 47 43.77 20.41 10.75
C LEU E 47 43.77 19.05 10.10
N PHE E 48 43.45 18.02 10.87
CA PHE E 48 43.40 16.69 10.30
C PHE E 48 42.40 15.84 11.04
N THR E 49 42.05 14.71 10.43
CA THR E 49 41.14 13.70 10.97
C THR E 49 41.69 12.40 10.38
N LEU E 50 42.36 11.61 11.21
CA LEU E 50 42.93 10.35 10.75
C LEU E 50 42.22 9.19 11.41
N ARG E 51 42.07 8.10 10.68
CA ARG E 51 41.37 6.96 11.23
C ARG E 51 42.22 5.72 11.44
N SER E 52 43.14 5.44 10.53
CA SER E 52 43.93 4.23 10.66
C SER E 52 45.46 4.33 10.71
N PRO E 53 46.09 3.37 11.39
CA PRO E 53 47.55 3.34 11.52
C PRO E 53 48.19 3.44 10.15
N GLY E 54 49.35 4.09 10.10
CA GLY E 54 50.05 4.25 8.84
C GLY E 54 49.71 5.55 8.17
N ASP E 55 48.58 6.14 8.53
CA ASP E 55 48.13 7.39 7.95
C ASP E 55 48.98 8.59 8.38
N LYS E 56 49.41 9.38 7.40
CA LYS E 56 50.21 10.57 7.63
C LYS E 56 49.76 11.65 6.65
N GLU E 57 49.71 12.90 7.11
CA GLU E 57 49.29 14.01 6.26
C GLU E 57 50.02 15.27 6.72
N VAL E 58 50.46 16.08 5.76
CA VAL E 58 51.14 17.33 6.11
C VAL E 58 50.27 18.48 5.63
N LYS E 59 50.08 19.47 6.50
CA LYS E 59 49.28 20.64 6.18
C LYS E 59 50.04 21.81 6.76
N SER E 60 50.19 22.89 5.98
CA SER E 60 50.91 24.06 6.47
C SER E 60 49.98 25.24 6.65
N LEU E 61 50.24 26.05 7.67
CA LEU E 61 49.40 27.20 7.96
C LEU E 61 50.15 28.42 8.47
N PRO E 62 49.51 29.60 8.38
CA PRO E 62 50.16 30.81 8.87
C PRO E 62 50.48 30.56 10.35
N GLY E 63 51.77 30.48 10.68
CA GLY E 63 52.17 30.25 12.05
C GLY E 63 52.78 28.90 12.34
N ALA E 64 52.47 27.88 11.54
CA ALA E 64 53.04 26.58 11.81
C ALA E 64 52.91 25.63 10.62
N ASP E 65 53.82 24.67 10.57
CA ASP E 65 53.80 23.65 9.54
C ASP E 65 53.44 22.41 10.30
N TYR E 66 52.70 21.52 9.68
CA TYR E 66 52.28 20.34 10.40
C TYR E 66 52.51 19.00 9.74
N LEU E 67 52.56 17.99 10.61
CA LEU E 67 52.72 16.62 10.20
C LEU E 67 52.03 15.74 11.22
N ALA E 68 50.84 15.28 10.86
CA ALA E 68 50.06 14.42 11.73
C ALA E 68 50.18 12.99 11.22
N THR E 69 50.27 12.04 12.15
CA THR E 69 50.41 10.64 11.82
C THR E 69 49.64 9.80 12.83
N ARG E 70 48.95 8.77 12.35
CA ARG E 70 48.19 7.89 13.21
C ARG E 70 49.15 6.72 13.39
N VAL E 71 49.78 6.64 14.56
CA VAL E 71 50.76 5.59 14.80
C VAL E 71 50.21 4.20 15.12
N THR E 72 49.13 4.15 15.88
CA THR E 72 48.50 2.91 16.25
C THR E 72 47.02 3.23 16.34
N ASP E 73 46.24 2.31 16.87
CA ASP E 73 44.80 2.52 16.98
C ASP E 73 44.44 3.40 18.16
N THR E 74 45.46 3.81 18.92
CA THR E 74 45.23 4.66 20.08
C THR E 74 46.13 5.90 20.15
N GLU E 75 47.14 5.94 19.29
CA GLU E 75 48.07 7.07 19.31
C GLU E 75 48.06 7.92 18.05
N LEU E 76 47.68 9.19 18.22
CA LEU E 76 47.66 10.15 17.12
C LEU E 76 48.77 11.14 17.41
N ARG E 77 49.65 11.33 16.43
CA ARG E 77 50.77 12.23 16.60
C ARG E 77 50.72 13.49 15.73
N LEU E 78 51.31 14.57 16.26
CA LEU E 78 51.40 15.84 15.57
C LEU E 78 52.73 16.47 15.87
N GLN E 79 53.48 16.78 14.84
CA GLN E 79 54.75 17.44 15.06
C GLN E 79 54.59 18.81 14.43
N VAL E 80 54.91 19.85 15.19
CA VAL E 80 54.80 21.20 14.67
C VAL E 80 56.18 21.85 14.51
N ALA E 81 56.57 22.09 13.26
CA ALA E 81 57.85 22.70 12.94
C ALA E 81 57.63 24.11 12.42
N ASN E 82 58.72 24.87 12.25
CA ASN E 82 58.67 26.24 11.76
C ASN E 82 57.56 27.06 12.43
N MET E 83 57.22 26.74 13.68
CA MET E 83 56.16 27.48 14.38
C MET E 83 56.50 28.93 14.66
N SER E 84 56.10 29.81 13.74
CA SER E 84 56.37 31.24 13.87
C SER E 84 55.62 31.91 15.02
N GLN E 85 54.39 31.49 15.29
CA GLN E 85 53.66 32.12 16.37
C GLN E 85 52.92 31.14 17.28
N GLY E 86 52.32 31.68 18.34
CA GLY E 86 51.60 30.87 19.31
C GLY E 86 50.25 30.41 18.84
N ARG E 87 49.89 29.21 19.31
CA ARG E 87 48.64 28.52 18.99
C ARG E 87 48.42 27.47 20.07
N THR E 88 47.16 27.10 20.29
CA THR E 88 46.83 26.08 21.28
C THR E 88 46.13 24.96 20.49
N LEU E 89 46.67 23.74 20.59
CA LEU E 89 46.16 22.59 19.85
C LEU E 89 45.26 21.62 20.61
N TYR E 90 44.17 21.23 19.96
CA TYR E 90 43.24 20.29 20.56
C TYR E 90 43.10 18.97 19.78
N CYS E 91 42.99 17.88 20.55
CA CYS E 91 42.83 16.55 19.99
C CYS E 91 41.41 16.11 20.31
N THR E 92 40.75 15.47 19.36
CA THR E 92 39.39 14.99 19.56
C THR E 92 39.29 13.58 19.00
N CYS E 93 38.20 12.90 19.32
CA CYS E 93 37.94 11.54 18.83
C CYS E 93 36.44 11.49 18.63
N SER E 94 35.99 10.61 17.74
CA SER E 94 34.56 10.49 17.47
C SER E 94 34.24 9.12 16.93
N ALA E 95 32.96 8.82 16.87
CA ALA E 95 32.50 7.55 16.36
C ALA E 95 32.71 7.55 14.85
N ALA E 96 32.14 8.54 14.20
CA ALA E 96 32.23 8.73 12.76
C ALA E 96 32.66 10.16 12.52
N PRO E 97 33.20 10.47 11.33
CA PRO E 97 33.67 11.82 11.02
C PRO E 97 32.71 12.97 11.40
N ASP E 98 31.42 12.79 11.13
CA ASP E 98 30.44 13.83 11.39
C ASP E 98 29.63 13.67 12.67
N TRP E 99 30.26 13.15 13.71
CA TRP E 99 29.54 12.96 14.95
C TRP E 99 30.53 13.07 16.10
N GLY E 100 30.00 13.20 17.32
CA GLY E 100 30.88 13.30 18.47
C GLY E 100 31.38 11.93 18.83
N ALA E 101 31.64 11.73 20.13
CA ALA E 101 32.13 10.44 20.62
C ALA E 101 30.88 9.63 20.85
N SER E 102 30.29 9.79 22.03
CA SER E 102 29.07 9.09 22.35
C SER E 102 27.97 10.13 22.28
N ALA E 103 28.35 11.34 21.86
CA ALA E 103 27.42 12.46 21.77
C ALA E 103 27.41 13.03 20.36
N GLU E 104 26.37 13.80 20.07
CA GLU E 104 26.21 14.38 18.74
C GLU E 104 27.29 15.36 18.29
N THR E 105 28.02 15.96 19.23
CA THR E 105 29.05 16.91 18.85
C THR E 105 30.44 16.66 19.44
N LEU E 106 31.44 17.18 18.73
CA LEU E 106 32.86 17.04 19.09
C LEU E 106 33.20 17.68 20.43
N TYR E 107 34.02 17.00 21.23
CA TYR E 107 34.42 17.50 22.56
C TYR E 107 35.88 17.92 22.63
N PHE E 108 36.12 19.14 23.10
CA PHE E 108 37.48 19.69 23.21
C PHE E 108 38.02 19.69 24.65
N GLY E 109 39.25 19.23 24.83
CA GLY E 109 39.84 19.20 26.15
C GLY E 109 40.51 20.53 26.47
N SER E 110 41.50 20.51 27.37
CA SER E 110 42.21 21.73 27.72
C SER E 110 43.24 22.04 26.64
N GLY E 111 43.51 21.03 25.81
CA GLY E 111 44.46 21.17 24.72
C GLY E 111 45.86 21.42 25.21
N THR E 112 46.78 21.68 24.28
CA THR E 112 48.17 21.95 24.62
C THR E 112 48.51 23.35 24.12
N ARG E 113 48.86 24.25 25.03
CA ARG E 113 49.21 25.60 24.63
C ARG E 113 50.67 25.74 24.23
N LEU E 114 50.93 26.28 23.04
CA LEU E 114 52.29 26.45 22.57
C LEU E 114 52.69 27.92 22.41
N THR E 115 53.56 28.38 23.31
CA THR E 115 54.06 29.75 23.28
C THR E 115 55.51 29.71 22.80
N VAL E 116 55.82 30.51 21.77
CA VAL E 116 57.16 30.55 21.19
C VAL E 116 58.25 31.04 22.17
N LEU E 117 59.45 30.44 22.04
CA LEU E 117 60.59 30.78 22.88
C LEU E 117 60.21 30.99 24.34
N GLY F 1 -2.38 2.76 -6.64
CA GLY F 1 -2.74 1.83 -5.52
C GLY F 1 -4.07 1.10 -5.76
N PRO F 2 -4.56 0.31 -4.77
CA PRO F 2 -5.81 -0.42 -4.94
C PRO F 2 -7.02 0.44 -4.61
N HIS F 3 -8.21 -0.09 -4.90
CA HIS F 3 -9.45 0.60 -4.64
C HIS F 3 -10.44 -0.50 -4.36
N SER F 4 -11.63 -0.14 -3.90
CA SER F 4 -12.63 -1.17 -3.61
C SER F 4 -14.07 -0.68 -3.68
N LEU F 5 -14.98 -1.64 -3.72
CA LEU F 5 -16.41 -1.38 -3.77
C LEU F 5 -16.98 -2.23 -2.66
N ARG F 6 -17.58 -1.59 -1.67
CA ARG F 6 -18.14 -2.35 -0.53
C ARG F 6 -19.52 -1.86 -0.14
N TYR F 7 -20.39 -2.81 0.18
CA TYR F 7 -21.74 -2.48 0.58
C TYR F 7 -22.02 -2.85 2.03
N PHE F 8 -22.40 -1.85 2.80
CA PHE F 8 -22.70 -1.99 4.21
C PHE F 8 -24.20 -2.11 4.36
N VAL F 9 -24.63 -3.36 4.56
CA VAL F 9 -26.04 -3.70 4.68
C VAL F 9 -26.47 -3.94 6.10
N THR F 10 -27.72 -3.58 6.40
CA THR F 10 -28.25 -3.77 7.74
C THR F 10 -29.75 -3.98 7.80
N ALA F 11 -30.12 -5.06 8.48
CA ALA F 11 -31.52 -5.39 8.69
C ALA F 11 -31.68 -5.36 10.19
N VAL F 12 -32.69 -4.66 10.68
CA VAL F 12 -32.92 -4.57 12.12
C VAL F 12 -34.40 -4.58 12.46
N SER F 13 -34.81 -5.61 13.21
CA SER F 13 -36.21 -5.74 13.63
C SER F 13 -36.40 -4.90 14.88
N ARG F 14 -37.63 -4.47 15.16
CA ARG F 14 -37.87 -3.65 16.34
C ARG F 14 -39.08 -4.19 17.11
N PRO F 15 -39.71 -3.38 17.97
CA PRO F 15 -40.86 -3.95 18.67
C PRO F 15 -41.86 -4.59 17.72
N GLY F 16 -42.56 -5.61 18.21
CA GLY F 16 -43.55 -6.33 17.42
C GLY F 16 -44.43 -5.52 16.49
N LEU F 17 -45.07 -6.23 15.55
CA LEU F 17 -45.97 -5.65 14.57
C LEU F 17 -45.33 -4.65 13.60
N GLY F 18 -44.16 -4.13 13.97
CA GLY F 18 -43.49 -3.17 13.11
C GLY F 18 -42.68 -3.92 12.06
N GLU F 19 -42.28 -3.24 10.99
CA GLU F 19 -41.48 -3.88 9.95
C GLU F 19 -40.01 -3.53 10.16
N PRO F 20 -39.10 -4.47 9.82
CA PRO F 20 -37.67 -4.20 10.00
C PRO F 20 -37.19 -3.02 9.16
N ARG F 21 -36.04 -2.46 9.54
CA ARG F 21 -35.45 -1.38 8.79
C ARG F 21 -34.39 -2.00 7.92
N TYR F 22 -34.44 -1.69 6.63
CA TYR F 22 -33.45 -2.24 5.72
C TYR F 22 -32.56 -1.14 5.17
N MET F 23 -31.25 -1.36 5.20
CA MET F 23 -30.31 -0.37 4.75
C MET F 23 -29.19 -0.90 3.90
N GLU F 24 -28.99 -0.30 2.74
CA GLU F 24 -27.88 -0.68 1.89
C GLU F 24 -27.11 0.61 1.66
N VAL F 25 -25.79 0.59 1.91
CA VAL F 25 -24.97 1.78 1.72
C VAL F 25 -23.70 1.36 1.00
N GLY F 26 -23.42 2.03 -0.12
CA GLY F 26 -22.26 1.65 -0.88
C GLY F 26 -21.13 2.66 -0.78
N TYR F 27 -19.90 2.16 -0.79
CA TYR F 27 -18.72 2.99 -0.70
C TYR F 27 -17.74 2.60 -1.76
N VAL F 28 -17.07 3.61 -2.31
CA VAL F 28 -16.00 3.37 -3.27
C VAL F 28 -14.84 3.94 -2.49
N ASP F 29 -13.90 3.08 -2.09
CA ASP F 29 -12.74 3.53 -1.34
C ASP F 29 -13.05 4.32 -0.07
N ASP F 30 -13.93 3.83 0.79
CA ASP F 30 -14.23 4.57 2.02
C ASP F 30 -15.20 5.73 1.85
N THR F 31 -15.55 6.10 0.62
CA THR F 31 -16.49 7.22 0.43
C THR F 31 -17.85 6.78 -0.12
N GLU F 32 -18.90 7.13 0.61
CA GLU F 32 -20.28 6.77 0.28
C GLU F 32 -20.69 7.32 -1.07
N PHE F 33 -21.43 6.54 -1.87
CA PHE F 33 -21.88 7.03 -3.16
C PHE F 33 -23.30 6.65 -3.57
N VAL F 34 -23.97 5.82 -2.77
CA VAL F 34 -25.34 5.39 -3.04
C VAL F 34 -25.90 4.89 -1.73
N ARG F 35 -27.19 5.12 -1.53
CA ARG F 35 -27.82 4.66 -0.31
C ARG F 35 -29.26 4.24 -0.53
N PHE F 36 -29.70 3.33 0.33
CA PHE F 36 -31.07 2.84 0.31
C PHE F 36 -31.49 2.68 1.77
N ASP F 37 -32.61 3.29 2.13
CA ASP F 37 -33.10 3.20 3.48
C ASP F 37 -34.59 2.88 3.47
N SER F 38 -34.98 1.78 4.10
CA SER F 38 -36.38 1.38 4.14
C SER F 38 -37.24 2.40 4.88
N ASP F 39 -36.62 3.25 5.71
CA ASP F 39 -37.37 4.25 6.49
C ASP F 39 -37.71 5.57 5.82
N ALA F 40 -36.87 6.04 4.90
CA ALA F 40 -37.16 7.30 4.22
C ALA F 40 -38.37 6.97 3.35
N GLU F 41 -39.36 7.86 3.28
CA GLU F 41 -40.49 7.50 2.47
C GLU F 41 -40.08 7.52 1.01
N ASN F 42 -40.74 6.65 0.25
CA ASN F 42 -40.44 6.46 -1.15
C ASN F 42 -38.99 5.95 -1.19
N PRO F 43 -38.76 4.75 -0.62
CA PRO F 43 -37.42 4.20 -0.60
C PRO F 43 -36.97 3.92 -2.02
N ARG F 44 -36.04 4.73 -2.48
CA ARG F 44 -35.48 4.59 -3.81
C ARG F 44 -34.00 4.40 -3.51
N TYR F 45 -33.20 4.30 -4.55
CA TYR F 45 -31.77 4.16 -4.39
C TYR F 45 -31.27 5.55 -4.78
N GLU F 46 -30.98 6.42 -3.81
CA GLU F 46 -30.50 7.77 -4.14
C GLU F 46 -28.99 7.85 -4.33
N PRO F 47 -28.52 8.76 -5.22
CA PRO F 47 -27.05 8.85 -5.37
C PRO F 47 -26.59 9.65 -4.16
N ARG F 48 -25.38 9.38 -3.68
CA ARG F 48 -24.87 10.08 -2.52
C ARG F 48 -23.56 10.76 -2.86
N ALA F 49 -23.29 10.85 -4.16
CA ALA F 49 -22.09 11.48 -4.70
C ALA F 49 -22.49 12.07 -6.05
N ARG F 50 -22.22 13.35 -6.23
CA ARG F 50 -22.55 14.05 -7.45
C ARG F 50 -22.25 13.28 -8.74
N TRP F 51 -21.13 12.55 -8.79
CA TRP F 51 -20.77 11.80 -10.00
C TRP F 51 -21.60 10.55 -10.27
N MET F 52 -22.43 10.15 -9.33
CA MET F 52 -23.26 8.98 -9.53
C MET F 52 -24.50 9.37 -10.32
N GLU F 53 -24.66 10.67 -10.58
CA GLU F 53 -25.81 11.15 -11.34
C GLU F 53 -25.70 10.80 -12.81
N GLN F 54 -24.50 10.43 -13.24
CA GLN F 54 -24.22 10.05 -14.62
C GLN F 54 -24.94 8.78 -15.03
N GLU F 55 -25.55 8.10 -14.06
CA GLU F 55 -26.26 6.86 -14.34
C GLU F 55 -27.68 7.18 -14.78
N GLY F 56 -28.16 6.44 -15.77
CA GLY F 56 -29.50 6.69 -16.29
C GLY F 56 -30.57 6.41 -15.28
N PRO F 57 -31.83 6.78 -15.57
CA PRO F 57 -32.93 6.54 -14.63
C PRO F 57 -33.20 5.04 -14.44
N GLU F 58 -32.70 4.24 -15.37
CA GLU F 58 -32.88 2.80 -15.33
C GLU F 58 -32.03 2.18 -14.25
N TYR F 59 -30.77 2.60 -14.17
CA TYR F 59 -29.86 2.09 -13.17
C TYR F 59 -30.52 2.16 -11.80
N TRP F 60 -31.09 3.31 -11.48
CA TRP F 60 -31.74 3.46 -10.19
C TRP F 60 -33.00 2.58 -10.01
N GLU F 61 -33.73 2.37 -11.09
CA GLU F 61 -34.93 1.54 -11.05
C GLU F 61 -34.51 0.14 -10.64
N ARG F 62 -33.58 -0.41 -11.42
CA ARG F 62 -33.08 -1.75 -11.22
C ARG F 62 -32.44 -2.02 -9.87
N GLU F 63 -31.72 -1.06 -9.31
CA GLU F 63 -31.13 -1.30 -8.00
C GLU F 63 -32.21 -1.14 -6.91
N THR F 64 -33.19 -0.28 -7.17
CA THR F 64 -34.26 -0.09 -6.20
C THR F 64 -35.04 -1.37 -6.14
N GLN F 65 -35.23 -2.01 -7.29
CA GLN F 65 -35.95 -3.27 -7.36
C GLN F 65 -35.19 -4.33 -6.57
N LYS F 66 -33.91 -4.50 -6.91
CA LYS F 66 -33.04 -5.48 -6.25
C LYS F 66 -33.08 -5.30 -4.73
N ALA F 67 -33.02 -4.06 -4.26
CA ALA F 67 -33.07 -3.74 -2.84
C ALA F 67 -34.39 -4.22 -2.21
N LYS F 68 -35.50 -3.92 -2.87
CA LYS F 68 -36.82 -4.33 -2.41
C LYS F 68 -36.75 -5.83 -2.14
N GLY F 69 -36.01 -6.53 -3.00
CA GLY F 69 -35.86 -7.97 -2.87
C GLY F 69 -34.97 -8.35 -1.71
N ASN F 70 -33.73 -7.84 -1.69
CA ASN F 70 -32.78 -8.13 -0.60
C ASN F 70 -33.49 -7.91 0.74
N GLU F 71 -34.31 -6.86 0.81
CA GLU F 71 -35.05 -6.57 2.02
C GLU F 71 -35.91 -7.76 2.42
N GLN F 72 -36.68 -8.29 1.48
CA GLN F 72 -37.53 -9.47 1.75
C GLN F 72 -36.66 -10.60 2.29
N SER F 73 -35.54 -10.84 1.61
CA SER F 73 -34.61 -11.88 1.98
C SER F 73 -34.18 -11.75 3.44
N PHE F 74 -33.87 -10.54 3.90
CA PHE F 74 -33.43 -10.37 5.29
C PHE F 74 -34.58 -10.39 6.29
N ARG F 75 -35.77 -9.99 5.87
CA ARG F 75 -36.93 -9.99 6.75
C ARG F 75 -37.09 -11.43 7.20
N VAL F 76 -36.68 -12.34 6.33
CA VAL F 76 -36.73 -13.78 6.54
C VAL F 76 -35.57 -14.22 7.44
N ASP F 77 -34.37 -13.76 7.13
CA ASP F 77 -33.18 -14.09 7.91
C ASP F 77 -33.41 -13.73 9.37
N LEU F 78 -34.05 -12.59 9.61
CA LEU F 78 -34.29 -12.21 11.00
C LEU F 78 -35.03 -13.37 11.67
N ARG F 79 -36.24 -13.68 11.19
CA ARG F 79 -37.03 -14.77 11.76
C ARG F 79 -36.26 -16.08 11.91
N THR F 80 -35.48 -16.42 10.91
CA THR F 80 -34.70 -17.66 10.93
C THR F 80 -33.81 -17.76 12.17
N LEU F 81 -32.96 -16.74 12.36
CA LEU F 81 -32.05 -16.71 13.50
C LEU F 81 -32.81 -16.73 14.83
N LEU F 82 -33.97 -16.08 14.88
CA LEU F 82 -34.77 -16.09 16.11
C LEU F 82 -34.96 -17.56 16.55
N GLY F 83 -34.94 -18.48 15.58
CA GLY F 83 -35.12 -19.88 15.89
C GLY F 83 -33.80 -20.57 16.17
N TYR F 84 -32.74 -20.12 15.48
CA TYR F 84 -31.40 -20.69 15.67
C TYR F 84 -30.90 -20.45 17.08
N TYR F 85 -31.34 -19.35 17.68
CA TYR F 85 -30.95 -18.97 19.04
C TYR F 85 -32.12 -19.07 20.01
N ASN F 86 -33.25 -19.52 19.49
CA ASN F 86 -34.44 -19.68 20.31
C ASN F 86 -34.76 -18.40 21.06
N GLN F 87 -34.53 -17.27 20.41
CA GLN F 87 -34.82 -15.98 21.02
C GLN F 87 -36.32 -15.75 20.82
N SER F 88 -36.88 -14.83 21.58
CA SER F 88 -38.31 -14.52 21.47
C SER F 88 -38.58 -13.57 20.30
N LYS F 89 -39.86 -13.41 19.99
CA LYS F 89 -40.31 -12.55 18.89
C LYS F 89 -40.56 -11.09 19.27
N GLY F 90 -40.73 -10.82 20.57
CA GLY F 90 -40.98 -9.46 21.00
C GLY F 90 -39.79 -8.55 20.75
N GLY F 91 -38.64 -8.99 21.22
CA GLY F 91 -37.38 -8.26 21.08
C GLY F 91 -37.05 -7.59 19.76
N SER F 92 -35.82 -7.09 19.68
CA SER F 92 -35.35 -6.40 18.48
C SER F 92 -33.92 -6.79 18.17
N HIS F 93 -33.72 -7.47 17.04
CA HIS F 93 -32.37 -7.91 16.68
C HIS F 93 -31.80 -7.28 15.42
N THR F 94 -30.50 -7.46 15.24
CA THR F 94 -29.79 -6.85 14.12
C THR F 94 -28.87 -7.75 13.32
N ILE F 95 -29.05 -7.72 12.00
CA ILE F 95 -28.21 -8.47 11.07
C ILE F 95 -27.44 -7.47 10.22
N GLN F 96 -26.15 -7.74 9.99
CA GLN F 96 -25.31 -6.86 9.21
C GLN F 96 -24.40 -7.60 8.25
N VAL F 97 -24.15 -6.99 7.10
CA VAL F 97 -23.30 -7.59 6.08
C VAL F 97 -22.39 -6.57 5.42
N ILE F 98 -21.22 -7.04 5.01
CA ILE F 98 -20.28 -6.19 4.31
C ILE F 98 -19.94 -7.03 3.09
N SER F 99 -20.34 -6.55 1.92
CA SER F 99 -20.08 -7.27 0.70
C SER F 99 -19.41 -6.33 -0.30
N GLY F 100 -18.46 -6.85 -1.05
CA GLY F 100 -17.76 -6.03 -1.99
C GLY F 100 -16.49 -6.70 -2.35
N CYS F 101 -15.64 -5.98 -3.05
CA CYS F 101 -14.38 -6.52 -3.50
C CYS F 101 -13.30 -5.46 -3.41
N GLU F 102 -12.08 -5.84 -3.77
CA GLU F 102 -10.97 -4.93 -3.75
C GLU F 102 -9.98 -5.42 -4.78
N VAL F 103 -9.59 -4.55 -5.71
CA VAL F 103 -8.63 -4.97 -6.73
C VAL F 103 -7.47 -3.99 -6.88
N GLY F 104 -6.28 -4.52 -7.14
CA GLY F 104 -5.13 -3.66 -7.29
C GLY F 104 -5.13 -2.89 -8.60
N SER F 105 -4.07 -2.13 -8.83
CA SER F 105 -3.90 -1.35 -10.06
C SER F 105 -3.61 -2.29 -11.22
N ASP F 106 -3.34 -3.54 -10.88
CA ASP F 106 -3.04 -4.60 -11.84
C ASP F 106 -4.32 -5.33 -12.23
N GLY F 107 -5.45 -4.90 -11.68
CA GLY F 107 -6.72 -5.53 -12.01
C GLY F 107 -7.01 -6.82 -11.25
N ARG F 108 -5.96 -7.42 -10.69
CA ARG F 108 -6.12 -8.66 -9.93
C ARG F 108 -7.10 -8.43 -8.78
N LEU F 109 -7.90 -9.43 -8.48
CA LEU F 109 -8.86 -9.32 -7.39
C LEU F 109 -8.13 -9.66 -6.09
N LEU F 110 -7.73 -8.63 -5.36
CA LEU F 110 -6.99 -8.80 -4.10
C LEU F 110 -7.83 -9.31 -2.94
N ARG F 111 -9.12 -9.02 -2.95
CA ARG F 111 -9.91 -9.42 -1.82
C ARG F 111 -11.41 -9.42 -2.11
N GLY F 112 -12.10 -10.44 -1.59
CA GLY F 112 -13.54 -10.53 -1.77
C GLY F 112 -14.18 -10.42 -0.40
N TYR F 113 -15.35 -9.78 -0.31
CA TYR F 113 -16.00 -9.63 0.99
C TYR F 113 -17.43 -10.12 1.09
N GLN F 114 -17.68 -11.03 2.03
CA GLN F 114 -19.01 -11.51 2.28
C GLN F 114 -18.97 -11.91 3.72
N GLN F 115 -19.34 -10.95 4.58
CA GLN F 115 -19.32 -11.18 6.02
C GLN F 115 -20.63 -10.78 6.65
N TYR F 116 -21.14 -11.65 7.50
CA TYR F 116 -22.39 -11.39 8.17
C TYR F 116 -22.12 -11.24 9.64
N ALA F 117 -23.02 -10.56 10.33
CA ALA F 117 -22.91 -10.35 11.76
C ALA F 117 -24.28 -10.27 12.38
N TYR F 118 -24.51 -11.09 13.40
CA TYR F 118 -25.79 -11.05 14.08
C TYR F 118 -25.64 -10.34 15.40
N ASP F 119 -26.50 -9.36 15.64
CA ASP F 119 -26.48 -8.57 16.88
C ASP F 119 -25.09 -8.03 17.30
N GLY F 120 -24.23 -7.71 16.34
CA GLY F 120 -22.92 -7.17 16.67
C GLY F 120 -21.72 -8.10 16.75
N CYS F 121 -21.94 -9.40 16.65
CA CYS F 121 -20.83 -10.34 16.70
C CYS F 121 -20.71 -11.03 15.36
N ASP F 122 -19.53 -11.54 15.05
CA ASP F 122 -19.36 -12.25 13.79
C ASP F 122 -20.35 -13.42 13.72
N TYR F 123 -20.82 -13.70 12.51
CA TYR F 123 -21.75 -14.80 12.33
C TYR F 123 -21.08 -15.76 11.38
N ILE F 124 -20.75 -15.28 10.19
CA ILE F 124 -20.11 -16.12 9.18
C ILE F 124 -19.47 -15.24 8.11
N ALA F 125 -18.47 -15.78 7.41
CA ALA F 125 -17.81 -14.98 6.40
C ALA F 125 -17.05 -15.81 5.40
N LEU F 126 -16.90 -15.29 4.20
CA LEU F 126 -16.20 -16.00 3.15
C LEU F 126 -14.71 -15.85 3.35
N ASN F 127 -14.00 -16.98 3.35
CA ASN F 127 -12.56 -16.95 3.52
C ASN F 127 -11.82 -16.43 2.29
N GLU F 128 -10.51 -16.28 2.43
CA GLU F 128 -9.65 -15.78 1.37
C GLU F 128 -9.61 -16.69 0.14
N ASP F 129 -9.89 -17.98 0.33
CA ASP F 129 -9.90 -18.89 -0.81
C ASP F 129 -11.13 -18.65 -1.66
N LEU F 130 -12.10 -17.91 -1.12
CA LEU F 130 -13.34 -17.65 -1.82
C LEU F 130 -13.93 -19.01 -2.10
N LYS F 131 -13.67 -19.95 -1.20
CA LYS F 131 -14.16 -21.30 -1.41
C LYS F 131 -14.86 -21.90 -0.21
N THR F 132 -14.42 -21.51 0.98
CA THR F 132 -15.00 -22.06 2.19
C THR F 132 -15.49 -20.95 3.12
N TRP F 133 -16.26 -21.32 4.14
CA TRP F 133 -16.77 -20.32 5.08
C TRP F 133 -16.23 -20.45 6.52
N THR F 134 -16.54 -19.47 7.36
CA THR F 134 -16.11 -19.47 8.76
C THR F 134 -17.28 -19.10 9.63
N ALA F 135 -17.74 -20.05 10.43
CA ALA F 135 -18.88 -19.82 11.31
C ALA F 135 -18.40 -19.38 12.68
N ALA F 136 -19.01 -18.33 13.22
CA ALA F 136 -18.63 -17.85 14.53
C ALA F 136 -19.11 -18.81 15.61
N ASP F 137 -20.41 -19.07 15.67
CA ASP F 137 -20.95 -19.94 16.70
C ASP F 137 -21.57 -21.21 16.14
N MET F 138 -22.35 -21.90 16.97
CA MET F 138 -22.99 -23.14 16.54
C MET F 138 -24.04 -22.86 15.47
N ALA F 139 -24.89 -21.86 15.73
CA ALA F 139 -25.92 -21.47 14.80
C ALA F 139 -25.34 -21.35 13.39
N ALA F 140 -24.24 -20.62 13.29
CA ALA F 140 -23.59 -20.42 12.00
C ALA F 140 -23.17 -21.72 11.31
N LEU F 141 -23.05 -22.81 12.07
CA LEU F 141 -22.65 -24.10 11.47
C LEU F 141 -23.78 -24.62 10.61
N ILE F 142 -25.01 -24.24 10.97
CA ILE F 142 -26.20 -24.61 10.23
C ILE F 142 -26.08 -23.93 8.86
N THR F 143 -26.16 -22.59 8.90
CA THR F 143 -26.04 -21.78 7.69
C THR F 143 -24.88 -22.33 6.89
N LYS F 144 -23.72 -22.47 7.52
CA LYS F 144 -22.56 -22.97 6.81
C LYS F 144 -22.79 -24.24 6.00
N HIS F 145 -23.61 -25.15 6.51
CA HIS F 145 -23.88 -26.40 5.78
C HIS F 145 -24.75 -26.12 4.56
N LYS F 146 -25.87 -25.44 4.77
CA LYS F 146 -26.78 -25.09 3.69
C LYS F 146 -26.00 -24.50 2.52
N TRP F 147 -25.27 -23.42 2.78
CA TRP F 147 -24.47 -22.76 1.77
C TRP F 147 -23.40 -23.63 1.14
N GLU F 148 -22.87 -24.59 1.89
CA GLU F 148 -21.86 -25.48 1.32
C GLU F 148 -22.54 -26.35 0.28
N GLN F 149 -23.80 -26.68 0.56
CA GLN F 149 -24.61 -27.51 -0.31
C GLN F 149 -25.08 -26.75 -1.54
N ALA F 150 -25.77 -25.63 -1.31
CA ALA F 150 -26.29 -24.81 -2.40
C ALA F 150 -25.17 -24.20 -3.27
N GLY F 151 -23.91 -24.46 -2.90
CA GLY F 151 -22.77 -23.94 -3.63
C GLY F 151 -22.64 -22.42 -3.61
N GLU F 152 -23.10 -21.80 -2.52
CA GLU F 152 -23.07 -20.35 -2.40
C GLU F 152 -21.73 -19.69 -2.72
N ALA F 153 -20.64 -20.37 -2.38
CA ALA F 153 -19.32 -19.82 -2.64
C ALA F 153 -19.15 -19.57 -4.13
N GLU F 154 -19.64 -20.48 -4.96
CA GLU F 154 -19.53 -20.34 -6.42
C GLU F 154 -20.28 -19.12 -6.90
N ARG F 155 -21.45 -18.90 -6.33
CA ARG F 155 -22.26 -17.77 -6.76
C ARG F 155 -21.49 -16.51 -6.46
N LEU F 156 -20.90 -16.48 -5.28
CA LEU F 156 -20.13 -15.32 -4.87
C LEU F 156 -18.90 -15.11 -5.74
N ARG F 157 -18.14 -16.16 -5.98
CA ARG F 157 -16.97 -16.06 -6.81
C ARG F 157 -17.37 -15.48 -8.16
N ALA F 158 -18.57 -15.82 -8.63
CA ALA F 158 -19.05 -15.28 -9.91
C ALA F 158 -19.25 -13.77 -9.74
N TYR F 159 -20.07 -13.40 -8.75
CA TYR F 159 -20.34 -12.01 -8.44
C TYR F 159 -19.06 -11.19 -8.33
N LEU F 160 -18.14 -11.65 -7.50
CA LEU F 160 -16.88 -10.93 -7.28
C LEU F 160 -16.06 -10.71 -8.55
N GLU F 161 -15.85 -11.76 -9.33
CA GLU F 161 -15.03 -11.66 -10.54
C GLU F 161 -15.73 -10.96 -11.70
N GLY F 162 -17.05 -10.98 -11.68
CA GLY F 162 -17.79 -10.35 -12.75
C GLY F 162 -18.24 -8.95 -12.41
N THR F 163 -19.47 -8.84 -11.93
CA THR F 163 -20.09 -7.56 -11.56
C THR F 163 -19.30 -6.61 -10.64
N CYS F 164 -18.88 -7.08 -9.47
CA CYS F 164 -18.17 -6.22 -8.53
C CYS F 164 -16.96 -5.56 -9.19
N VAL F 165 -16.07 -6.37 -9.72
CA VAL F 165 -14.90 -5.84 -10.37
C VAL F 165 -15.23 -4.89 -11.49
N GLU F 166 -16.11 -5.31 -12.39
CA GLU F 166 -16.47 -4.49 -13.55
C GLU F 166 -17.18 -3.18 -13.24
N TRP F 167 -18.04 -3.16 -12.23
CA TRP F 167 -18.72 -1.93 -11.90
C TRP F 167 -17.86 -1.03 -11.04
N LEU F 168 -16.91 -1.61 -10.33
CA LEU F 168 -16.01 -0.81 -9.53
C LEU F 168 -15.21 -0.01 -10.53
N ARG F 169 -14.68 -0.72 -11.54
CA ARG F 169 -13.88 -0.10 -12.59
C ARG F 169 -14.62 1.09 -13.18
N ARG F 170 -15.92 0.92 -13.35
CA ARG F 170 -16.76 1.97 -13.91
C ARG F 170 -16.99 3.13 -12.94
N TYR F 171 -17.30 2.81 -11.68
CA TYR F 171 -17.52 3.83 -10.67
C TYR F 171 -16.28 4.74 -10.52
N LEU F 172 -15.10 4.15 -10.61
CA LEU F 172 -13.85 4.92 -10.53
C LEU F 172 -13.87 5.95 -11.66
N LYS F 173 -13.71 5.48 -12.89
CA LYS F 173 -13.75 6.33 -14.07
C LYS F 173 -14.65 7.54 -13.82
N ASN F 174 -15.92 7.28 -13.51
CA ASN F 174 -16.89 8.36 -13.29
C ASN F 174 -16.63 9.31 -12.11
N GLY F 175 -16.11 8.77 -11.01
CA GLY F 175 -15.86 9.63 -9.87
C GLY F 175 -14.43 9.97 -9.61
N ASN F 176 -13.54 9.40 -10.40
CA ASN F 176 -12.10 9.60 -10.28
C ASN F 176 -11.68 11.01 -9.85
N ALA F 177 -12.11 12.01 -10.60
CA ALA F 177 -11.78 13.41 -10.31
C ALA F 177 -12.05 13.84 -8.87
N THR F 178 -13.08 13.27 -8.26
CA THR F 178 -13.44 13.62 -6.89
C THR F 178 -12.86 12.67 -5.86
N LEU F 179 -12.96 11.37 -6.17
CA LEU F 179 -12.44 10.33 -5.29
C LEU F 179 -10.96 10.49 -5.06
N LEU F 180 -10.21 10.59 -6.16
CA LEU F 180 -8.78 10.73 -6.07
C LEU F 180 -8.23 12.12 -5.86
N ARG F 181 -9.09 13.05 -5.43
CA ARG F 181 -8.63 14.41 -5.20
C ARG F 181 -7.86 14.41 -3.88
N THR F 182 -7.37 15.58 -3.47
CA THR F 182 -6.59 15.71 -2.25
C THR F 182 -6.69 17.13 -1.71
N ASP F 183 -7.29 17.27 -0.54
CA ASP F 183 -7.41 18.59 0.07
C ASP F 183 -6.46 18.64 1.24
N SER F 184 -5.39 19.41 1.10
CA SER F 184 -4.43 19.52 2.18
C SER F 184 -5.07 20.12 3.42
N PRO F 185 -4.55 19.76 4.60
CA PRO F 185 -5.12 20.31 5.83
C PRO F 185 -4.68 21.75 6.02
N LYS F 186 -5.45 22.47 6.83
CA LYS F 186 -5.10 23.84 7.16
C LYS F 186 -4.91 23.74 8.66
N ALA F 187 -3.66 23.80 9.09
CA ALA F 187 -3.36 23.66 10.49
C ALA F 187 -3.00 24.96 11.20
N HIS F 188 -3.32 25.02 12.48
CA HIS F 188 -3.00 26.14 13.33
C HIS F 188 -3.06 25.66 14.77
N VAL F 189 -2.29 26.31 15.62
CA VAL F 189 -2.25 25.96 17.02
C VAL F 189 -3.00 27.00 17.84
N THR F 190 -3.64 26.57 18.92
CA THR F 190 -4.36 27.52 19.73
C THR F 190 -3.87 27.47 21.15
N HIS F 191 -4.01 28.61 21.81
CA HIS F 191 -3.57 28.79 23.18
C HIS F 191 -4.78 28.90 24.11
N HIS F 192 -4.79 28.03 25.12
CA HIS F 192 -5.85 27.99 26.12
C HIS F 192 -5.20 27.80 27.49
N SER F 193 -5.54 28.66 28.46
CA SER F 193 -4.94 28.56 29.80
C SER F 193 -5.55 27.49 30.69
N ARG F 194 -4.69 26.85 31.48
CA ARG F 194 -5.08 25.78 32.39
C ARG F 194 -4.85 26.29 33.84
N PRO F 195 -5.33 25.55 34.87
CA PRO F 195 -5.12 26.01 36.25
C PRO F 195 -3.68 26.40 36.53
N GLU F 196 -3.51 27.45 37.34
CA GLU F 196 -2.20 27.92 37.74
C GLU F 196 -1.31 28.29 36.55
N ASP F 197 -0.03 27.96 36.68
CA ASP F 197 1.04 28.23 35.71
C ASP F 197 1.09 27.30 34.49
N LYS F 198 -0.05 26.95 33.91
CA LYS F 198 0.00 26.04 32.77
C LYS F 198 -0.97 26.38 31.66
N VAL F 199 -0.61 26.00 30.44
CA VAL F 199 -1.46 26.27 29.28
C VAL F 199 -1.63 25.06 28.39
N THR F 200 -2.79 24.99 27.73
CA THR F 200 -3.08 23.91 26.81
C THR F 200 -2.83 24.35 25.38
N LEU F 201 -1.98 23.60 24.69
CA LEU F 201 -1.68 23.89 23.30
C LEU F 201 -2.43 22.88 22.45
N ARG F 202 -3.35 23.37 21.62
CA ARG F 202 -4.13 22.51 20.75
C ARG F 202 -3.77 22.72 19.30
N CYS F 203 -3.43 21.63 18.64
CA CYS F 203 -3.05 21.66 17.23
C CYS F 203 -4.22 21.19 16.41
N TRP F 204 -4.68 22.03 15.47
CA TRP F 204 -5.82 21.66 14.62
C TRP F 204 -5.48 21.38 13.16
N ALA F 205 -6.19 20.42 12.58
CA ALA F 205 -6.03 20.08 11.18
C ALA F 205 -7.47 20.16 10.70
N LEU F 206 -7.75 21.04 9.74
CA LEU F 206 -9.11 21.21 9.27
C LEU F 206 -9.26 21.16 7.76
N GLY F 207 -10.48 20.85 7.33
CA GLY F 207 -10.80 20.78 5.91
C GLY F 207 -9.90 19.96 5.01
N PHE F 208 -9.43 18.82 5.50
CA PHE F 208 -8.57 17.98 4.68
C PHE F 208 -9.27 16.75 4.12
N TYR F 209 -8.63 16.10 3.15
CA TYR F 209 -9.19 14.89 2.53
C TYR F 209 -8.11 14.22 1.69
N PRO F 210 -8.00 12.89 1.76
CA PRO F 210 -8.76 11.95 2.59
C PRO F 210 -8.57 12.13 4.10
N ALA F 211 -9.32 11.36 4.88
CA ALA F 211 -9.28 11.46 6.34
C ALA F 211 -8.06 10.87 7.04
N ASP F 212 -7.15 10.26 6.28
CA ASP F 212 -5.95 9.68 6.87
C ASP F 212 -4.99 10.78 7.20
N ILE F 213 -4.83 11.07 8.48
CA ILE F 213 -3.92 12.13 8.90
C ILE F 213 -3.27 11.75 10.21
N THR F 214 -2.08 12.29 10.45
CA THR F 214 -1.32 12.01 11.67
C THR F 214 -0.80 13.32 12.28
N LEU F 215 -1.11 13.55 13.56
CA LEU F 215 -0.66 14.75 14.27
C LEU F 215 0.18 14.31 15.44
N THR F 216 1.38 14.84 15.56
CA THR F 216 2.27 14.50 16.68
C THR F 216 2.82 15.80 17.27
N TRP F 217 3.06 15.79 18.57
CA TRP F 217 3.63 16.94 19.24
C TRP F 217 5.03 16.53 19.62
N GLN F 218 5.96 17.48 19.51
CA GLN F 218 7.36 17.24 19.85
C GLN F 218 7.92 18.28 20.81
N LEU F 219 8.81 17.81 21.68
CA LEU F 219 9.46 18.63 22.68
C LEU F 219 10.96 18.50 22.40
N ASN F 220 11.45 19.28 21.43
CA ASN F 220 12.86 19.22 21.04
C ASN F 220 13.34 17.78 21.06
N GLY F 221 12.75 16.93 20.23
CA GLY F 221 13.20 15.54 20.20
C GLY F 221 12.15 14.47 20.21
N GLU F 222 11.82 13.95 21.40
CA GLU F 222 10.85 12.87 21.50
C GLU F 222 9.41 13.31 21.59
N GLU F 223 8.58 12.71 20.75
CA GLU F 223 7.16 13.01 20.72
C GLU F 223 6.60 12.69 22.11
N LEU F 224 5.39 13.14 22.37
CA LEU F 224 4.76 12.92 23.68
C LEU F 224 3.62 11.92 23.60
N ILE F 225 3.95 10.68 23.26
CA ILE F 225 2.95 9.61 23.13
C ILE F 225 1.77 9.63 24.12
N GLN F 226 1.98 9.14 25.33
CA GLN F 226 0.91 9.06 26.32
C GLN F 226 0.25 10.37 26.81
N ASP F 227 1.01 11.46 26.86
CA ASP F 227 0.48 12.73 27.35
C ASP F 227 -0.49 13.40 26.38
N MET F 228 -0.07 13.49 25.12
CA MET F 228 -0.85 14.09 24.04
C MET F 228 -2.27 13.54 23.89
N GLU F 229 -3.25 14.42 24.04
CA GLU F 229 -4.65 14.04 23.90
C GLU F 229 -5.11 14.35 22.49
N LEU F 230 -5.78 13.40 21.85
CA LEU F 230 -6.24 13.61 20.48
C LEU F 230 -7.60 13.01 20.14
N VAL F 231 -8.49 13.84 19.63
CA VAL F 231 -9.82 13.39 19.25
C VAL F 231 -9.73 12.48 18.03
N GLU F 232 -10.79 11.72 17.80
CA GLU F 232 -10.87 10.82 16.65
C GLU F 232 -11.14 11.64 15.41
N THR F 233 -10.52 11.27 14.30
CA THR F 233 -10.78 12.01 13.08
C THR F 233 -12.30 12.07 12.92
N ARG F 234 -12.81 13.25 12.63
CA ARG F 234 -14.25 13.41 12.50
C ARG F 234 -14.64 14.13 11.21
N PRO F 235 -15.86 13.88 10.72
CA PRO F 235 -16.37 14.49 9.49
C PRO F 235 -16.83 15.93 9.67
N ALA F 236 -16.43 16.80 8.73
CA ALA F 236 -16.81 18.20 8.78
C ALA F 236 -18.24 18.32 8.32
N GLY F 237 -18.63 17.41 7.43
CA GLY F 237 -19.98 17.41 6.90
C GLY F 237 -20.05 18.00 5.50
N ASP F 238 -18.90 18.14 4.86
CA ASP F 238 -18.87 18.70 3.51
C ASP F 238 -17.88 17.98 2.60
N GLY F 239 -17.48 16.77 3.00
CA GLY F 239 -16.57 16.00 2.20
C GLY F 239 -15.18 15.98 2.81
N THR F 240 -14.94 16.85 3.79
CA THR F 240 -13.63 16.94 4.42
C THR F 240 -13.62 16.51 5.89
N PHE F 241 -12.44 16.39 6.48
CA PHE F 241 -12.32 15.97 7.88
C PHE F 241 -11.57 16.90 8.83
N GLN F 242 -11.75 16.67 10.12
CA GLN F 242 -11.13 17.48 11.12
C GLN F 242 -10.48 16.64 12.20
N LYS F 243 -9.44 17.19 12.82
CA LYS F 243 -8.78 16.49 13.90
C LYS F 243 -7.88 17.44 14.67
N TRP F 244 -7.76 17.21 15.96
CA TRP F 244 -6.87 18.02 16.74
C TRP F 244 -6.21 17.19 17.83
N ALA F 245 -5.04 17.66 18.26
CA ALA F 245 -4.27 17.00 19.30
C ALA F 245 -3.77 18.14 20.17
N SER F 246 -3.84 17.93 21.48
CA SER F 246 -3.42 18.95 22.43
C SER F 246 -2.45 18.35 23.42
N VAL F 247 -1.69 19.24 24.06
CA VAL F 247 -0.72 18.86 25.06
C VAL F 247 -0.68 20.03 26.03
N VAL F 248 -0.48 19.74 27.32
CA VAL F 248 -0.42 20.80 28.33
C VAL F 248 1.04 21.12 28.67
N VAL F 249 1.38 22.40 28.57
CA VAL F 249 2.74 22.87 28.81
C VAL F 249 2.89 24.11 29.71
N PRO F 250 4.09 24.31 30.27
CA PRO F 250 4.49 25.41 31.15
C PRO F 250 4.27 26.78 30.53
N LEU F 251 3.58 27.68 31.24
CA LEU F 251 3.35 29.02 30.74
C LEU F 251 4.69 29.67 30.43
N GLY F 252 4.81 30.26 29.24
CA GLY F 252 6.06 30.91 28.85
C GLY F 252 7.01 29.97 28.14
N LYS F 253 6.70 28.68 28.16
CA LYS F 253 7.51 27.65 27.52
C LYS F 253 6.83 27.07 26.26
N GLU F 254 5.81 27.76 25.77
CA GLU F 254 5.06 27.33 24.58
C GLU F 254 5.97 27.16 23.39
N GLN F 255 7.14 27.80 23.47
CA GLN F 255 8.15 27.76 22.43
C GLN F 255 8.76 26.36 22.19
N TYR F 256 9.23 25.73 23.27
CA TYR F 256 9.84 24.41 23.20
C TYR F 256 9.05 23.42 22.33
N TYR F 257 7.73 23.57 22.30
CA TYR F 257 6.88 22.64 21.57
C TYR F 257 6.53 22.87 20.11
N THR F 258 6.50 21.76 19.37
CA THR F 258 6.17 21.73 17.94
C THR F 258 5.16 20.67 17.54
N CYS F 259 4.19 21.09 16.71
CA CYS F 259 3.17 20.20 16.21
C CYS F 259 3.56 19.77 14.80
N HIS F 260 3.31 18.50 14.47
CA HIS F 260 3.61 18.01 13.15
C HIS F 260 2.40 17.40 12.52
N VAL F 261 2.10 17.82 11.30
CA VAL F 261 0.94 17.33 10.58
C VAL F 261 1.41 16.58 9.33
N TYR F 262 1.05 15.31 9.23
CA TYR F 262 1.44 14.50 8.08
C TYR F 262 0.20 14.11 7.29
N HIS F 263 0.15 14.56 6.05
CA HIS F 263 -0.98 14.25 5.19
C HIS F 263 -0.48 14.13 3.76
N GLN F 264 -1.00 13.13 3.05
CA GLN F 264 -0.61 12.88 1.67
C GLN F 264 -0.88 14.06 0.73
N GLY F 265 -1.77 14.97 1.13
CA GLY F 265 -2.08 16.12 0.30
C GLY F 265 -0.96 17.16 0.32
N LEU F 266 -0.28 17.26 1.45
CA LEU F 266 0.82 18.21 1.61
C LEU F 266 2.08 17.79 0.87
N PRO F 267 2.84 18.77 0.36
CA PRO F 267 4.09 18.47 -0.36
C PRO F 267 5.10 17.87 0.63
N GLU F 268 5.03 18.33 1.86
CA GLU F 268 5.89 17.81 2.93
C GLU F 268 5.21 18.15 4.25
N PRO F 269 5.55 17.44 5.33
CA PRO F 269 4.95 17.67 6.66
C PRO F 269 5.01 19.09 7.20
N LEU F 270 3.93 19.50 7.88
CA LEU F 270 3.85 20.83 8.49
C LEU F 270 4.35 20.83 9.92
N THR F 271 5.10 21.88 10.25
CA THR F 271 5.62 22.02 11.59
C THR F 271 4.97 23.29 12.10
N LEU F 272 4.32 23.18 13.26
CA LEU F 272 3.65 24.30 13.87
C LEU F 272 4.26 24.60 15.24
N ARG F 273 4.14 25.86 15.66
CA ARG F 273 4.65 26.33 16.95
C ARG F 273 3.72 27.47 17.35
N TRP F 274 3.81 27.89 18.60
CA TRP F 274 2.98 28.98 19.06
C TRP F 274 3.91 30.13 19.44
N GLU F 275 3.69 31.27 18.80
CA GLU F 275 4.50 32.45 19.03
C GLU F 275 3.86 33.59 19.82
N PRO F 276 4.46 33.86 20.98
CA PRO F 276 4.05 34.93 21.90
C PRO F 276 4.61 36.27 21.30
N PRO F 277 3.97 37.41 21.60
CA PRO F 277 4.37 38.75 21.11
C PRO F 277 5.88 39.12 21.17
N LYS G 1 -22.46 -2.28 -7.87
CA LYS G 1 -23.83 -2.84 -7.69
C LYS G 1 -23.79 -3.95 -6.63
N VAL G 2 -24.68 -3.89 -5.66
CA VAL G 2 -24.71 -4.87 -4.57
C VAL G 2 -25.17 -6.26 -5.03
N ILE G 3 -24.61 -7.31 -4.42
CA ILE G 3 -24.99 -8.66 -4.78
C ILE G 3 -26.42 -8.88 -4.27
N THR G 4 -26.98 -10.04 -4.58
CA THR G 4 -28.31 -10.42 -4.11
C THR G 4 -28.04 -11.33 -2.91
N PHE G 5 -28.71 -11.11 -1.80
CA PHE G 5 -28.49 -11.97 -0.63
C PHE G 5 -29.44 -13.13 -0.54
N ILE G 6 -28.89 -14.32 -0.34
CA ILE G 6 -29.70 -15.50 -0.19
C ILE G 6 -30.15 -15.59 1.26
N ASP G 7 -30.37 -16.80 1.74
CA ASP G 7 -30.82 -17.00 3.12
C ASP G 7 -29.85 -17.70 4.05
N LEU G 8 -30.01 -17.39 5.32
CA LEU G 8 -29.18 -17.98 6.37
C LEU G 8 -29.88 -19.28 6.77
N ILE H 1 -20.85 -6.89 23.68
CA ILE H 1 -21.40 -6.73 22.31
C ILE H 1 -22.62 -5.81 22.32
N GLN H 2 -22.49 -4.78 23.14
CA GLN H 2 -23.45 -3.71 23.32
C GLN H 2 -22.44 -2.62 23.67
N LYS H 3 -22.08 -1.81 22.68
CA LYS H 3 -21.08 -0.79 22.88
C LYS H 3 -21.58 0.61 23.28
N THR H 4 -20.71 1.33 23.99
CA THR H 4 -21.01 2.67 24.47
C THR H 4 -20.74 3.73 23.42
N PRO H 5 -21.76 4.53 23.12
CA PRO H 5 -21.63 5.59 22.12
C PRO H 5 -20.67 6.72 22.52
N GLN H 6 -19.76 7.07 21.61
CA GLN H 6 -18.81 8.15 21.82
C GLN H 6 -19.24 9.38 21.01
N ILE H 7 -19.57 10.46 21.73
CA ILE H 7 -20.04 11.73 21.16
C ILE H 7 -18.96 12.79 21.01
N GLN H 8 -19.21 13.73 20.10
CA GLN H 8 -18.35 14.89 19.80
C GLN H 8 -19.26 15.95 19.21
N VAL H 9 -19.15 17.17 19.73
CA VAL H 9 -19.96 18.29 19.24
C VAL H 9 -18.93 19.35 18.80
N TYR H 10 -19.16 19.95 17.64
CA TYR H 10 -18.23 20.92 17.09
C TYR H 10 -18.82 21.52 15.82
N SER H 11 -18.26 22.63 15.36
CA SER H 11 -18.78 23.25 14.15
C SER H 11 -18.05 22.82 12.87
N ARG H 12 -18.72 23.00 11.73
CA ARG H 12 -18.15 22.65 10.44
C ARG H 12 -17.01 23.59 10.07
N HIS H 13 -17.19 24.87 10.33
CA HIS H 13 -16.18 25.89 10.03
C HIS H 13 -15.78 26.54 11.34
N PRO H 14 -14.57 27.11 11.43
CA PRO H 14 -14.11 27.75 12.65
C PRO H 14 -15.10 28.80 13.17
N PRO H 15 -15.74 28.52 14.31
CA PRO H 15 -16.74 29.37 14.98
C PRO H 15 -16.36 30.83 15.08
N GLU H 16 -17.19 31.69 14.50
CA GLU H 16 -16.95 33.14 14.52
C GLU H 16 -18.20 33.85 15.01
N ASN H 17 -18.16 34.31 16.25
CA ASN H 17 -19.28 35.02 16.86
C ASN H 17 -20.05 35.82 15.80
N GLY H 18 -21.34 35.52 15.67
CA GLY H 18 -22.16 36.24 14.72
C GLY H 18 -21.85 35.96 13.25
N LYS H 19 -21.79 34.68 12.90
CA LYS H 19 -21.52 34.26 11.51
C LYS H 19 -22.08 32.84 11.36
N PRO H 20 -23.12 32.68 10.53
CA PRO H 20 -23.79 31.40 10.26
C PRO H 20 -22.83 30.22 10.08
N ASN H 21 -23.21 29.08 10.68
CA ASN H 21 -22.39 27.86 10.64
C ASN H 21 -23.30 26.65 10.74
N ILE H 22 -22.69 25.47 10.77
CA ILE H 22 -23.41 24.21 10.91
C ILE H 22 -22.85 23.49 12.14
N LEU H 23 -23.70 23.23 13.11
CA LEU H 23 -23.24 22.54 14.30
C LEU H 23 -23.46 21.06 14.10
N ASN H 24 -22.40 20.27 14.31
CA ASN H 24 -22.47 18.83 14.15
C ASN H 24 -22.39 18.08 15.47
N CYS H 25 -23.10 16.97 15.55
CA CYS H 25 -23.06 16.10 16.70
C CYS H 25 -22.72 14.77 16.07
N TYR H 26 -21.52 14.25 16.33
CA TYR H 26 -21.06 13.01 15.72
C TYR H 26 -21.03 11.85 16.71
N VAL H 27 -22.11 11.06 16.76
CA VAL H 27 -22.19 9.92 17.68
C VAL H 27 -21.59 8.67 17.04
N THR H 28 -20.87 7.87 17.82
CA THR H 28 -20.25 6.66 17.25
C THR H 28 -19.96 5.53 18.24
N GLN H 29 -19.54 4.41 17.68
CA GLN H 29 -19.18 3.22 18.46
C GLN H 29 -20.31 2.53 19.20
N PHE H 30 -21.56 2.85 18.90
CA PHE H 30 -22.66 2.23 19.63
C PHE H 30 -23.23 0.95 19.03
N HIS H 31 -24.19 0.37 19.74
CA HIS H 31 -24.86 -0.85 19.33
C HIS H 31 -25.74 -1.27 20.51
N PRO H 32 -27.00 -1.63 20.25
CA PRO H 32 -27.74 -1.65 18.97
C PRO H 32 -27.86 -0.32 18.24
N PRO H 33 -28.35 -0.35 17.01
CA PRO H 33 -28.52 0.86 16.20
C PRO H 33 -29.64 1.79 16.67
N HIS H 34 -30.40 1.38 17.67
CA HIS H 34 -31.47 2.26 18.14
C HIS H 34 -30.84 3.38 18.95
N ILE H 35 -31.26 4.61 18.68
CA ILE H 35 -30.69 5.73 19.40
C ILE H 35 -31.43 7.04 19.17
N GLU H 36 -31.69 7.73 20.28
CA GLU H 36 -32.34 9.02 20.24
C GLU H 36 -31.25 10.03 20.46
N ILE H 37 -31.15 11.00 19.55
CA ILE H 37 -30.13 12.02 19.64
C ILE H 37 -30.78 13.40 19.55
N GLN H 38 -30.61 14.22 20.57
CA GLN H 38 -31.22 15.53 20.55
C GLN H 38 -30.22 16.65 20.59
N MET H 39 -30.40 17.62 19.70
CA MET H 39 -29.53 18.78 19.68
C MET H 39 -30.28 19.92 20.33
N LEU H 40 -29.67 20.45 21.38
CA LEU H 40 -30.24 21.52 22.20
C LEU H 40 -29.60 22.90 22.02
N LYS H 41 -30.34 23.92 22.45
CA LYS H 41 -29.89 25.31 22.43
C LYS H 41 -30.48 26.00 23.66
N ASN H 42 -29.63 26.34 24.60
CA ASN H 42 -30.08 26.99 25.83
C ASN H 42 -31.09 26.11 26.56
N GLY H 43 -30.92 24.80 26.46
CA GLY H 43 -31.84 23.89 27.14
C GLY H 43 -32.99 23.42 26.26
N LYS H 44 -33.43 24.29 25.37
CA LYS H 44 -34.52 23.99 24.44
C LYS H 44 -34.00 23.08 23.33
N LYS H 45 -34.88 22.29 22.73
CA LYS H 45 -34.50 21.36 21.67
C LYS H 45 -34.65 21.95 20.28
N ILE H 46 -33.56 22.00 19.53
CA ILE H 46 -33.62 22.53 18.18
C ILE H 46 -34.51 21.55 17.44
N PRO H 47 -35.48 22.05 16.68
CA PRO H 47 -36.35 21.12 15.97
C PRO H 47 -35.84 20.75 14.59
N LYS H 48 -36.36 19.63 14.09
CA LYS H 48 -36.01 19.13 12.76
C LYS H 48 -34.51 18.94 12.52
N VAL H 49 -33.83 18.41 13.53
CA VAL H 49 -32.40 18.14 13.42
C VAL H 49 -32.17 16.86 12.61
N GLU H 50 -31.62 17.03 11.41
CA GLU H 50 -31.34 15.93 10.47
C GLU H 50 -30.51 14.81 11.08
N MET H 51 -31.20 13.73 11.45
CA MET H 51 -30.61 12.58 12.13
C MET H 51 -30.51 11.24 11.40
N SER H 52 -31.61 10.78 10.82
CA SER H 52 -31.62 9.51 10.10
C SER H 52 -30.53 9.58 9.03
N ASP H 53 -29.41 8.91 9.26
CA ASP H 53 -28.29 8.96 8.31
C ASP H 53 -27.15 8.05 8.75
N MET H 54 -27.49 6.91 9.31
CA MET H 54 -26.52 5.98 9.83
C MET H 54 -25.70 5.19 8.84
N SER H 55 -24.92 4.30 9.45
CA SER H 55 -24.04 3.36 8.79
C SER H 55 -23.20 2.79 9.91
N PHE H 56 -22.34 1.83 9.60
CA PHE H 56 -21.52 1.23 10.63
C PHE H 56 -20.11 0.99 10.09
N SER H 57 -19.23 0.47 10.94
CA SER H 57 -17.86 0.22 10.54
C SER H 57 -17.47 -1.24 10.57
N LYS H 58 -16.22 -1.52 10.20
CA LYS H 58 -15.70 -2.87 10.18
C LYS H 58 -15.96 -3.65 11.46
N ASP H 59 -15.99 -2.96 12.59
CA ASP H 59 -16.20 -3.61 13.90
C ASP H 59 -17.66 -3.78 14.27
N TRP H 60 -18.53 -3.52 13.30
CA TRP H 60 -19.98 -3.64 13.43
C TRP H 60 -20.66 -2.51 14.20
N SER H 61 -19.89 -1.64 14.82
CA SER H 61 -20.48 -0.54 15.57
C SER H 61 -21.07 0.51 14.63
N PHE H 62 -22.23 1.05 15.00
CA PHE H 62 -22.89 2.07 14.19
C PHE H 62 -22.37 3.46 14.48
N TYR H 63 -22.70 4.40 13.60
CA TYR H 63 -22.29 5.78 13.75
C TYR H 63 -23.24 6.65 12.95
N ILE H 64 -23.37 7.90 13.37
CA ILE H 64 -24.26 8.81 12.69
C ILE H 64 -23.92 10.27 12.90
N LEU H 65 -23.94 11.04 11.83
CA LEU H 65 -23.66 12.45 11.90
C LEU H 65 -24.97 13.21 11.85
N ALA H 66 -25.14 14.08 12.84
CA ALA H 66 -26.32 14.92 12.96
C ALA H 66 -25.87 16.36 12.78
N HIS H 67 -26.77 17.25 12.42
CA HIS H 67 -26.38 18.63 12.26
C HIS H 67 -27.52 19.61 12.09
N THR H 68 -27.19 20.89 12.15
CA THR H 68 -28.15 21.97 12.02
C THR H 68 -27.39 23.26 11.86
N GLU H 69 -28.03 24.28 11.31
CA GLU H 69 -27.36 25.56 11.14
C GLU H 69 -27.43 26.27 12.47
N PHE H 70 -26.60 27.31 12.63
CA PHE H 70 -26.59 28.07 13.88
C PHE H 70 -25.54 29.15 13.82
N THR H 71 -25.81 30.27 14.48
CA THR H 71 -24.82 31.33 14.52
C THR H 71 -24.37 31.48 15.96
N PRO H 72 -23.11 31.15 16.21
CA PRO H 72 -22.54 31.25 17.54
C PRO H 72 -22.50 32.66 18.10
N THR H 73 -22.97 32.77 19.34
CA THR H 73 -22.98 34.06 20.03
C THR H 73 -22.09 33.83 21.25
N GLU H 74 -21.71 34.92 21.91
CA GLU H 74 -20.84 34.82 23.08
C GLU H 74 -21.44 34.01 24.23
N THR H 75 -22.73 34.17 24.49
CA THR H 75 -23.39 33.48 25.59
C THR H 75 -24.34 32.31 25.27
N ASP H 76 -24.63 32.07 23.99
CA ASP H 76 -25.52 30.97 23.62
C ASP H 76 -24.92 29.62 23.93
N THR H 77 -25.78 28.70 24.34
CA THR H 77 -25.34 27.36 24.69
C THR H 77 -25.92 26.31 23.75
N TYR H 78 -25.09 25.38 23.31
CA TYR H 78 -25.52 24.29 22.45
C TYR H 78 -24.95 23.00 23.01
N ALA H 79 -25.79 21.98 23.12
CA ALA H 79 -25.37 20.69 23.64
C ALA H 79 -26.00 19.59 22.79
N CYS H 80 -25.58 18.35 23.02
CA CYS H 80 -26.13 17.23 22.27
C CYS H 80 -26.40 16.08 23.24
N ARG H 81 -27.67 15.72 23.39
CA ARG H 81 -28.03 14.65 24.31
C ARG H 81 -28.34 13.38 23.57
N VAL H 82 -27.80 12.28 24.09
CA VAL H 82 -27.96 10.98 23.48
C VAL H 82 -28.47 9.90 24.45
N LYS H 83 -29.63 9.32 24.14
CA LYS H 83 -30.20 8.24 24.97
C LYS H 83 -29.87 6.90 24.32
N HIS H 84 -29.50 5.90 25.11
CA HIS H 84 -29.15 4.61 24.52
C HIS H 84 -29.04 3.44 25.51
N ASP H 85 -29.73 2.34 25.20
CA ASP H 85 -29.75 1.13 26.04
C ASP H 85 -28.45 0.75 26.73
N SER H 86 -27.32 1.24 26.22
CA SER H 86 -26.04 0.91 26.84
C SER H 86 -25.72 1.81 28.03
N MET H 87 -26.48 2.89 28.18
CA MET H 87 -26.25 3.84 29.26
C MET H 87 -27.45 4.04 30.17
N ALA H 88 -27.20 4.02 31.47
CA ALA H 88 -28.25 4.20 32.48
C ALA H 88 -29.20 5.33 32.04
N GLU H 89 -28.70 6.55 31.95
CA GLU H 89 -29.51 7.70 31.53
C GLU H 89 -28.77 8.50 30.47
N PRO H 90 -29.45 9.48 29.85
CA PRO H 90 -28.85 10.31 28.81
C PRO H 90 -27.43 10.78 29.09
N LYS H 91 -26.79 11.26 28.04
CA LYS H 91 -25.45 11.78 28.13
C LYS H 91 -25.47 13.06 27.31
N THR H 92 -24.97 14.14 27.89
CA THR H 92 -24.92 15.42 27.21
C THR H 92 -23.50 15.91 27.05
N VAL H 93 -23.24 16.50 25.90
CA VAL H 93 -21.93 17.04 25.58
C VAL H 93 -22.21 18.43 25.08
N TYR H 94 -21.61 19.41 25.72
CA TYR H 94 -21.83 20.78 25.31
C TYR H 94 -20.82 21.15 24.25
N TRP H 95 -21.23 22.00 23.32
CA TRP H 95 -20.34 22.44 22.29
C TRP H 95 -19.32 23.34 22.97
N ASP H 96 -18.06 23.18 22.59
CA ASP H 96 -17.00 24.00 23.15
C ASP H 96 -16.27 24.59 21.95
N ARG H 97 -16.25 25.92 21.87
CA ARG H 97 -15.60 26.63 20.77
C ARG H 97 -14.12 26.25 20.61
N ASP H 98 -13.49 25.81 21.70
CA ASP H 98 -12.08 25.44 21.72
C ASP H 98 -11.82 23.97 21.45
N MET H 99 -12.84 23.25 21.00
CA MET H 99 -12.71 21.83 20.70
C MET H 99 -13.61 21.36 19.55
N GLN I 1 -37.46 -9.05 -29.11
CA GLN I 1 -37.08 -7.60 -29.11
C GLN I 1 -35.78 -7.31 -28.32
N GLN I 2 -35.61 -7.98 -27.18
CA GLN I 2 -34.44 -7.76 -26.35
C GLN I 2 -33.26 -8.64 -26.71
N VAL I 3 -33.54 -9.76 -27.36
CA VAL I 3 -32.51 -10.67 -27.80
C VAL I 3 -33.06 -11.44 -29.00
N ARG I 4 -32.61 -11.08 -30.19
CA ARG I 4 -33.07 -11.73 -31.41
C ARG I 4 -32.03 -12.60 -32.10
N GLN I 5 -32.30 -13.90 -32.15
CA GLN I 5 -31.37 -14.80 -32.80
C GLN I 5 -31.82 -15.04 -34.24
N SER I 6 -31.02 -15.80 -34.99
CA SER I 6 -31.32 -16.12 -36.40
C SER I 6 -30.26 -17.03 -36.99
N PRO I 7 -30.60 -17.74 -38.08
CA PRO I 7 -31.89 -17.80 -38.78
C PRO I 7 -32.85 -18.62 -37.94
N GLN I 8 -34.14 -18.55 -38.21
CA GLN I 8 -35.07 -19.34 -37.40
C GLN I 8 -35.11 -20.79 -37.85
N SER I 9 -34.68 -21.03 -39.08
CA SER I 9 -34.61 -22.37 -39.65
C SER I 9 -33.15 -22.62 -40.00
N LEU I 10 -32.72 -23.87 -39.94
CA LEU I 10 -31.33 -24.17 -40.27
C LEU I 10 -31.12 -25.58 -40.73
N THR I 11 -30.59 -25.72 -41.94
CA THR I 11 -30.31 -27.02 -42.50
C THR I 11 -28.80 -27.17 -42.72
N VAL I 12 -28.27 -28.25 -42.15
CA VAL I 12 -26.86 -28.55 -42.27
C VAL I 12 -26.66 -30.06 -42.35
N TRP I 13 -25.61 -30.46 -43.07
CA TRP I 13 -25.25 -31.85 -43.29
C TRP I 13 -24.81 -32.46 -41.96
N GLU I 14 -24.16 -33.62 -42.00
CA GLU I 14 -23.70 -34.24 -40.76
C GLU I 14 -22.22 -33.92 -40.61
N GLY I 15 -21.73 -33.93 -39.37
CA GLY I 15 -20.34 -33.61 -39.14
C GLY I 15 -20.00 -32.32 -39.86
N GLU I 16 -20.89 -31.34 -39.74
CA GLU I 16 -20.72 -30.04 -40.40
C GLU I 16 -20.87 -28.89 -39.41
N THR I 17 -20.60 -27.67 -39.87
CA THR I 17 -20.68 -26.50 -39.00
C THR I 17 -21.96 -25.67 -39.01
N ALA I 18 -22.70 -25.73 -37.90
CA ALA I 18 -23.93 -24.97 -37.74
C ALA I 18 -23.53 -23.65 -37.13
N ILE I 19 -24.20 -22.57 -37.53
CA ILE I 19 -23.88 -21.26 -37.00
C ILE I 19 -25.13 -20.47 -36.65
N LEU I 20 -25.50 -20.49 -35.37
CA LEU I 20 -26.67 -19.76 -34.89
C LEU I 20 -26.20 -18.41 -34.37
N ASN I 21 -26.80 -17.33 -34.86
CA ASN I 21 -26.41 -16.01 -34.38
C ASN I 21 -27.43 -15.61 -33.33
N CYS I 22 -27.02 -14.70 -32.45
CA CYS I 22 -27.89 -14.20 -31.40
C CYS I 22 -27.45 -12.75 -31.30
N SER I 23 -28.20 -11.92 -30.61
CA SER I 23 -27.82 -10.51 -30.47
C SER I 23 -28.77 -9.83 -29.49
N TYR I 24 -28.26 -8.91 -28.69
CA TYR I 24 -29.12 -8.25 -27.71
C TYR I 24 -29.02 -6.74 -27.71
N GLU I 25 -29.80 -6.10 -26.85
CA GLU I 25 -29.84 -4.65 -26.77
C GLU I 25 -29.43 -4.07 -25.40
N ASP I 26 -29.37 -4.91 -24.39
CA ASP I 26 -29.01 -4.45 -23.05
C ASP I 26 -27.57 -4.76 -22.69
N SER I 27 -26.74 -3.71 -22.67
CA SER I 27 -25.31 -3.79 -22.35
C SER I 27 -25.05 -4.30 -20.92
N THR I 28 -26.12 -4.22 -20.13
CA THR I 28 -26.11 -4.65 -18.75
C THR I 28 -26.12 -6.18 -18.64
N PHE I 29 -26.55 -6.87 -19.71
CA PHE I 29 -26.59 -8.33 -19.74
C PHE I 29 -25.21 -8.92 -19.41
N ASN I 30 -25.16 -9.84 -18.45
CA ASN I 30 -23.88 -10.45 -18.07
C ASN I 30 -23.80 -11.96 -18.15
N TYR I 31 -24.94 -12.60 -18.40
CA TYR I 31 -24.94 -14.04 -18.51
C TYR I 31 -25.70 -14.46 -19.73
N PHE I 32 -25.08 -15.30 -20.55
CA PHE I 32 -25.68 -15.79 -21.77
C PHE I 32 -25.74 -17.30 -21.92
N PRO I 33 -26.78 -17.90 -21.34
CA PRO I 33 -27.02 -19.35 -21.38
C PRO I 33 -27.76 -19.75 -22.65
N TRP I 34 -27.27 -20.79 -23.33
CA TRP I 34 -27.90 -21.30 -24.55
C TRP I 34 -28.57 -22.61 -24.21
N TYR I 35 -29.89 -22.64 -24.40
CA TYR I 35 -30.67 -23.84 -24.12
C TYR I 35 -30.96 -24.66 -25.37
N GLN I 36 -31.23 -25.94 -25.17
CA GLN I 36 -31.53 -26.89 -26.23
C GLN I 36 -32.87 -27.54 -25.93
N GLN I 37 -33.78 -27.52 -26.91
CA GLN I 37 -35.08 -28.12 -26.70
C GLN I 37 -35.43 -29.16 -27.75
N PHE I 38 -35.82 -30.34 -27.26
CA PHE I 38 -36.24 -31.44 -28.11
C PHE I 38 -37.74 -31.53 -27.92
N PRO I 39 -38.50 -31.58 -29.01
CA PRO I 39 -39.96 -31.67 -28.90
C PRO I 39 -40.46 -32.63 -27.80
N GLY I 40 -41.37 -32.12 -26.98
CA GLY I 40 -41.92 -32.90 -25.88
C GLY I 40 -41.25 -32.58 -24.56
N GLU I 41 -40.00 -32.15 -24.62
CA GLU I 41 -39.20 -31.82 -23.43
C GLU I 41 -38.99 -30.31 -23.23
N GLY I 42 -38.74 -29.91 -21.99
CA GLY I 42 -38.50 -28.51 -21.67
C GLY I 42 -37.09 -28.09 -22.07
N PRO I 43 -36.79 -26.77 -22.07
CA PRO I 43 -35.47 -26.25 -22.43
C PRO I 43 -34.40 -26.76 -21.47
N ALA I 44 -33.26 -27.17 -22.01
CA ALA I 44 -32.18 -27.67 -21.17
C ALA I 44 -30.87 -27.01 -21.54
N LEU I 45 -30.18 -26.49 -20.53
CA LEU I 45 -28.91 -25.83 -20.76
C LEU I 45 -27.94 -26.59 -21.66
N LEU I 46 -27.42 -25.92 -22.68
CA LEU I 46 -26.49 -26.56 -23.58
C LEU I 46 -25.09 -26.02 -23.34
N ILE I 47 -25.00 -24.70 -23.15
CA ILE I 47 -23.72 -24.04 -22.92
C ILE I 47 -24.00 -22.60 -22.53
N SER I 48 -23.13 -22.03 -21.71
CA SER I 48 -23.29 -20.65 -21.25
C SER I 48 -21.95 -19.97 -21.13
N ILE I 49 -21.96 -18.64 -21.19
CA ILE I 49 -20.74 -17.85 -21.08
C ILE I 49 -21.05 -16.56 -20.31
N ARG I 50 -20.12 -16.14 -19.44
CA ARG I 50 -20.31 -14.90 -18.69
C ARG I 50 -19.74 -13.79 -19.57
N SER I 51 -20.27 -12.58 -19.42
CA SER I 51 -19.81 -11.47 -20.23
C SER I 51 -18.29 -11.26 -20.19
N VAL I 52 -17.68 -11.44 -19.03
CA VAL I 52 -16.24 -11.25 -18.91
C VAL I 52 -15.44 -12.06 -19.93
N SER I 53 -16.11 -13.02 -20.57
CA SER I 53 -15.45 -13.85 -21.59
C SER I 53 -15.60 -13.38 -23.04
N ASP I 54 -15.22 -14.26 -23.95
CA ASP I 54 -15.29 -13.98 -25.38
C ASP I 54 -15.24 -15.30 -26.16
N LYS I 55 -15.34 -16.41 -25.45
CA LYS I 55 -15.28 -17.71 -26.10
C LYS I 55 -15.39 -18.83 -25.07
N LYS I 56 -16.38 -19.69 -25.28
CA LYS I 56 -16.64 -20.83 -24.41
C LYS I 56 -16.58 -22.05 -25.31
N GLU I 57 -16.01 -23.14 -24.82
CA GLU I 57 -15.92 -24.35 -25.61
C GLU I 57 -16.16 -25.58 -24.75
N ASP I 58 -17.02 -26.47 -25.24
CA ASP I 58 -17.32 -27.71 -24.53
C ASP I 58 -17.58 -28.80 -25.54
N GLY I 59 -16.51 -29.27 -26.17
CA GLY I 59 -16.63 -30.33 -27.14
C GLY I 59 -16.79 -29.84 -28.57
N ARG I 60 -18.02 -29.91 -29.07
CA ARG I 60 -18.30 -29.51 -30.45
C ARG I 60 -19.00 -28.16 -30.46
N PHE I 61 -19.54 -27.81 -29.30
CA PHE I 61 -20.24 -26.56 -29.12
C PHE I 61 -19.24 -25.45 -28.82
N THR I 62 -19.55 -24.23 -29.20
CA THR I 62 -18.62 -23.13 -29.00
C THR I 62 -19.27 -21.76 -29.09
N ILE I 63 -19.60 -21.17 -27.94
CA ILE I 63 -20.18 -19.83 -27.94
C ILE I 63 -19.07 -18.83 -28.25
N PHE I 64 -19.44 -17.74 -28.88
CA PHE I 64 -18.50 -16.68 -29.24
C PHE I 64 -19.15 -15.40 -28.73
N PHE I 65 -18.37 -14.53 -28.13
CA PHE I 65 -18.95 -13.32 -27.58
C PHE I 65 -18.32 -12.03 -28.11
N ASN I 66 -19.14 -10.99 -28.24
CA ASN I 66 -18.66 -9.72 -28.72
C ASN I 66 -19.33 -8.58 -27.99
N LYS I 67 -18.81 -8.23 -26.82
CA LYS I 67 -19.35 -7.15 -26.00
C LYS I 67 -19.66 -5.87 -26.79
N ARG I 68 -18.66 -5.30 -27.47
CA ARG I 68 -18.83 -4.06 -28.24
C ARG I 68 -19.99 -4.06 -29.23
N GLU I 69 -20.13 -5.14 -29.99
CA GLU I 69 -21.19 -5.25 -30.98
C GLU I 69 -22.50 -5.74 -30.38
N LYS I 70 -22.41 -6.40 -29.22
CA LYS I 70 -23.59 -6.95 -28.54
C LYS I 70 -24.06 -8.09 -29.43
N LYS I 71 -23.12 -8.95 -29.80
CA LYS I 71 -23.42 -10.07 -30.68
C LYS I 71 -22.81 -11.36 -30.19
N LEU I 72 -23.58 -12.44 -30.25
CA LEU I 72 -23.11 -13.78 -29.86
C LEU I 72 -23.34 -14.70 -31.05
N SER I 73 -22.91 -15.95 -30.91
CA SER I 73 -23.05 -16.96 -31.95
C SER I 73 -22.61 -18.33 -31.47
N LEU I 74 -23.45 -19.33 -31.68
CA LEU I 74 -23.14 -20.70 -31.27
C LEU I 74 -22.65 -21.45 -32.51
N HIS I 75 -21.56 -22.19 -32.37
CA HIS I 75 -20.99 -22.97 -33.48
C HIS I 75 -21.07 -24.46 -33.20
N ILE I 76 -21.86 -25.16 -34.00
CA ILE I 76 -21.99 -26.60 -33.83
C ILE I 76 -21.23 -27.28 -34.97
N THR I 77 -19.91 -27.42 -34.79
CA THR I 77 -19.04 -28.05 -35.78
C THR I 77 -19.24 -29.56 -35.74
N ASP I 78 -18.79 -30.27 -36.77
CA ASP I 78 -18.95 -31.72 -36.81
C ASP I 78 -20.34 -32.10 -36.31
N SER I 79 -21.37 -31.56 -36.97
CA SER I 79 -22.76 -31.79 -36.60
C SER I 79 -23.12 -33.24 -36.31
N GLN I 80 -24.41 -33.48 -36.08
CA GLN I 80 -24.86 -34.83 -35.79
C GLN I 80 -26.37 -35.01 -35.70
N PRO I 81 -26.89 -36.01 -36.43
CA PRO I 81 -28.34 -36.22 -36.34
C PRO I 81 -28.57 -36.65 -34.90
N GLY I 82 -29.09 -35.73 -34.09
CA GLY I 82 -29.31 -36.00 -32.69
C GLY I 82 -29.11 -34.67 -32.02
N ASP I 83 -28.64 -33.72 -32.84
CA ASP I 83 -28.41 -32.35 -32.42
C ASP I 83 -29.47 -31.53 -33.13
N SER I 84 -30.41 -32.23 -33.76
CA SER I 84 -31.50 -31.57 -34.48
C SER I 84 -32.56 -31.21 -33.44
N ALA I 85 -32.64 -29.92 -33.13
CA ALA I 85 -33.61 -29.43 -32.15
C ALA I 85 -33.75 -27.93 -32.29
N THR I 86 -34.38 -27.32 -31.31
CA THR I 86 -34.55 -25.89 -31.32
C THR I 86 -33.56 -25.33 -30.30
N TYR I 87 -32.74 -24.38 -30.73
CA TYR I 87 -31.74 -23.78 -29.87
C TYR I 87 -32.05 -22.35 -29.46
N PHE I 88 -32.36 -22.18 -28.17
CA PHE I 88 -32.69 -20.87 -27.63
C PHE I 88 -31.50 -20.19 -26.96
N CYS I 89 -31.36 -18.91 -27.27
CA CYS I 89 -30.29 -18.08 -26.74
C CYS I 89 -30.88 -17.10 -25.75
N ALA I 90 -30.60 -17.31 -24.47
CA ALA I 90 -31.13 -16.44 -23.42
C ALA I 90 -30.09 -15.46 -22.91
N ALA I 91 -30.50 -14.63 -21.95
CA ALA I 91 -29.61 -13.63 -21.38
C ALA I 91 -30.26 -12.99 -20.17
N ARG I 92 -29.43 -12.42 -19.30
CA ARG I 92 -29.93 -11.76 -18.11
C ARG I 92 -28.93 -10.75 -17.57
N TYR I 93 -29.42 -9.87 -16.71
CA TYR I 93 -28.55 -8.87 -16.12
C TYR I 93 -28.54 -9.03 -14.60
N GLN I 94 -27.39 -8.75 -13.99
CA GLN I 94 -27.24 -8.87 -12.55
C GLN I 94 -28.40 -8.19 -11.84
N GLY I 95 -29.05 -8.92 -10.95
CA GLY I 95 -30.17 -8.35 -10.22
C GLY I 95 -31.51 -8.60 -10.89
N GLY I 96 -31.47 -9.08 -12.14
CA GLY I 96 -32.68 -9.34 -12.92
C GLY I 96 -33.51 -10.54 -12.51
N ARG I 97 -34.83 -10.35 -12.52
CA ARG I 97 -35.75 -11.42 -12.15
C ARG I 97 -36.16 -12.26 -13.35
N ALA I 98 -35.97 -11.72 -14.55
CA ALA I 98 -36.39 -12.44 -15.75
C ALA I 98 -35.27 -12.93 -16.61
N LEU I 99 -35.35 -14.18 -17.04
CA LEU I 99 -34.36 -14.73 -17.95
C LEU I 99 -35.02 -14.40 -19.28
N ILE I 100 -34.28 -13.78 -20.18
CA ILE I 100 -34.82 -13.38 -21.46
C ILE I 100 -34.36 -14.28 -22.58
N PHE I 101 -35.33 -14.86 -23.28
CA PHE I 101 -35.04 -15.78 -24.37
C PHE I 101 -35.13 -15.23 -25.80
N GLY I 102 -34.28 -15.77 -26.67
CA GLY I 102 -34.26 -15.39 -28.08
C GLY I 102 -35.44 -16.06 -28.78
N THR I 103 -35.66 -15.75 -30.06
CA THR I 103 -36.79 -16.35 -30.78
C THR I 103 -36.63 -17.83 -31.13
N GLY I 104 -35.40 -18.33 -31.09
CA GLY I 104 -35.15 -19.73 -31.38
C GLY I 104 -34.72 -20.04 -32.79
N THR I 105 -33.72 -20.90 -32.93
CA THR I 105 -33.24 -21.34 -34.23
C THR I 105 -33.37 -22.84 -34.19
N THR I 106 -34.16 -23.41 -35.10
CA THR I 106 -34.33 -24.86 -35.13
C THR I 106 -33.35 -25.45 -36.14
N VAL I 107 -32.52 -26.35 -35.64
CA VAL I 107 -31.51 -26.99 -36.47
C VAL I 107 -31.93 -28.38 -36.94
N SER I 108 -31.64 -28.65 -38.20
CA SER I 108 -31.95 -29.92 -38.81
C SER I 108 -30.69 -30.55 -39.40
N VAL I 109 -30.21 -31.59 -38.70
CA VAL I 109 -29.03 -32.32 -39.12
C VAL I 109 -29.49 -33.62 -39.74
N SER I 110 -28.86 -34.03 -40.84
CA SER I 110 -29.23 -35.27 -41.48
C SER I 110 -28.07 -35.86 -42.27
N PRO I 111 -27.98 -37.20 -42.34
CA PRO I 111 -26.92 -37.92 -43.06
C PRO I 111 -26.80 -37.59 -44.55
N VAL J 1 -32.70 -33.32 -9.95
CA VAL J 1 -34.18 -33.33 -10.12
C VAL J 1 -34.84 -33.49 -8.74
N THR J 2 -36.17 -33.61 -8.72
CA THR J 2 -36.93 -33.76 -7.49
C THR J 2 -36.85 -32.47 -6.68
N LEU J 3 -36.59 -31.37 -7.40
CA LEU J 3 -36.47 -30.04 -6.81
C LEU J 3 -37.85 -29.41 -6.65
N LEU J 4 -38.65 -29.55 -7.70
CA LEU J 4 -40.01 -29.01 -7.77
C LEU J 4 -41.01 -30.10 -8.10
N GLU J 5 -42.28 -29.75 -7.96
CA GLU J 5 -43.35 -30.69 -8.28
C GLU J 5 -44.44 -29.90 -9.00
N GLN J 6 -44.65 -30.27 -10.26
CA GLN J 6 -45.63 -29.60 -11.11
C GLN J 6 -46.78 -30.51 -11.50
N ASN J 7 -48.00 -30.10 -11.13
CA ASN J 7 -49.20 -30.86 -11.46
C ASN J 7 -50.35 -29.97 -11.92
N PRO J 8 -51.10 -30.40 -12.97
CA PRO J 8 -50.96 -31.64 -13.74
C PRO J 8 -49.76 -31.62 -14.70
N ARG J 9 -49.64 -32.65 -15.54
CA ARG J 9 -48.53 -32.72 -16.51
C ARG J 9 -49.01 -32.34 -17.91
N TRP J 10 -50.27 -32.61 -18.19
CA TRP J 10 -50.91 -32.28 -19.45
C TRP J 10 -52.37 -32.02 -19.07
N ARG J 11 -53.07 -31.21 -19.86
CA ARG J 11 -54.46 -30.95 -19.53
C ARG J 11 -55.26 -30.18 -20.60
N LEU J 12 -56.54 -30.51 -20.70
CA LEU J 12 -57.45 -29.89 -21.66
C LEU J 12 -58.38 -28.93 -20.95
N VAL J 13 -58.45 -27.70 -21.47
CA VAL J 13 -59.31 -26.72 -20.84
C VAL J 13 -60.48 -26.31 -21.74
N PRO J 14 -61.68 -26.25 -21.15
CA PRO J 14 -62.92 -25.87 -21.85
C PRO J 14 -62.98 -24.36 -21.97
N ARG J 15 -62.76 -23.84 -23.18
CA ARG J 15 -62.79 -22.40 -23.45
C ARG J 15 -63.39 -21.46 -22.38
N GLY J 16 -64.55 -21.84 -21.84
CA GLY J 16 -65.22 -21.00 -20.85
C GLY J 16 -64.67 -20.88 -19.44
N GLN J 17 -63.92 -21.88 -18.95
CA GLN J 17 -63.41 -21.83 -17.58
C GLN J 17 -61.89 -21.86 -17.37
N ALA J 18 -61.48 -21.41 -16.18
CA ALA J 18 -60.07 -21.34 -15.79
C ALA J 18 -59.41 -22.69 -15.51
N VAL J 19 -58.15 -22.61 -15.10
CA VAL J 19 -57.33 -23.77 -14.78
C VAL J 19 -56.36 -23.26 -13.73
N ASN J 20 -56.01 -24.08 -12.76
CA ASN J 20 -55.04 -23.62 -11.76
C ASN J 20 -53.94 -24.64 -11.65
N LEU J 21 -52.72 -24.20 -11.89
CA LEU J 21 -51.58 -25.10 -11.75
C LEU J 21 -51.05 -24.82 -10.35
N ARG J 22 -50.23 -25.73 -9.86
CA ARG J 22 -49.62 -25.54 -8.56
C ARG J 22 -48.26 -26.19 -8.56
N CYS J 23 -47.26 -25.40 -8.17
CA CYS J 23 -45.87 -25.82 -8.08
C CYS J 23 -45.51 -25.90 -6.61
N ILE J 24 -44.89 -27.02 -6.22
CA ILE J 24 -44.49 -27.19 -4.84
C ILE J 24 -42.99 -27.31 -4.80
N LEU J 25 -42.38 -26.50 -3.92
CA LEU J 25 -40.93 -26.47 -3.74
C LEU J 25 -40.56 -27.41 -2.60
N LYS J 26 -39.67 -28.36 -2.89
CA LYS J 26 -39.23 -29.33 -1.90
C LYS J 26 -38.02 -28.81 -1.11
N ASN J 27 -36.98 -28.41 -1.85
CA ASN J 27 -35.73 -27.88 -1.28
C ASN J 27 -35.79 -26.36 -1.05
N SER J 28 -35.96 -25.94 0.20
CA SER J 28 -36.07 -24.50 0.47
C SER J 28 -34.83 -23.61 0.32
N GLN J 29 -33.74 -24.18 -0.16
CA GLN J 29 -32.51 -23.43 -0.36
C GLN J 29 -32.66 -22.67 -1.68
N TYR J 30 -33.85 -22.75 -2.27
CA TYR J 30 -34.15 -22.11 -3.55
C TYR J 30 -35.57 -21.56 -3.50
N PRO J 31 -35.81 -20.57 -2.62
CA PRO J 31 -37.06 -19.87 -2.34
C PRO J 31 -37.63 -19.00 -3.44
N TRP J 32 -36.81 -18.69 -4.44
CA TRP J 32 -37.31 -17.85 -5.51
C TRP J 32 -38.00 -18.74 -6.52
N MET J 33 -39.32 -18.59 -6.61
CA MET J 33 -40.11 -19.38 -7.52
C MET J 33 -40.69 -18.51 -8.64
N SER J 34 -40.58 -19.04 -9.85
CA SER J 34 -41.04 -18.34 -11.05
C SER J 34 -41.91 -19.21 -11.95
N TRP J 35 -42.51 -18.53 -12.93
CA TRP J 35 -43.40 -19.12 -13.89
C TRP J 35 -42.98 -18.63 -15.27
N TYR J 36 -42.83 -19.55 -16.22
CA TYR J 36 -42.47 -19.21 -17.58
C TYR J 36 -43.46 -19.90 -18.49
N GLN J 37 -43.70 -19.36 -19.68
CA GLN J 37 -44.64 -19.98 -20.60
C GLN J 37 -44.00 -20.18 -21.95
N GLN J 38 -44.52 -21.13 -22.71
CA GLN J 38 -44.03 -21.33 -24.07
C GLN J 38 -45.22 -21.46 -25.03
N ASP J 39 -45.44 -20.44 -25.85
CA ASP J 39 -46.53 -20.47 -26.81
C ASP J 39 -46.21 -21.44 -27.93
N LEU J 40 -47.20 -21.73 -28.75
CA LEU J 40 -47.02 -22.68 -29.83
C LEU J 40 -46.02 -22.32 -30.90
N GLN J 41 -45.46 -21.12 -30.85
CA GLN J 41 -44.47 -20.74 -31.86
C GLN J 41 -43.09 -20.84 -31.20
N LYS J 42 -43.03 -21.56 -30.08
CA LYS J 42 -41.79 -21.77 -29.31
C LYS J 42 -41.34 -20.59 -28.43
N GLN J 43 -42.04 -19.47 -28.49
CA GLN J 43 -41.66 -18.26 -27.72
C GLN J 43 -41.70 -18.36 -26.21
N LEU J 44 -40.51 -18.60 -25.62
CA LEU J 44 -40.33 -18.73 -24.17
C LEU J 44 -40.51 -17.39 -23.45
N GLN J 45 -41.11 -17.40 -22.28
CA GLN J 45 -41.32 -16.14 -21.60
C GLN J 45 -41.58 -16.10 -20.11
N TRP J 46 -40.73 -15.35 -19.42
CA TRP J 46 -40.87 -15.17 -17.99
C TRP J 46 -42.25 -14.55 -17.75
N LEU J 47 -42.90 -14.98 -16.68
CA LEU J 47 -44.22 -14.47 -16.31
C LEU J 47 -44.22 -13.84 -14.93
N PHE J 48 -43.62 -14.54 -13.97
CA PHE J 48 -43.55 -14.02 -12.61
C PHE J 48 -42.40 -14.66 -11.85
N THR J 49 -41.97 -13.98 -10.79
CA THR J 49 -40.95 -14.47 -9.88
C THR J 49 -41.35 -13.87 -8.55
N LEU J 50 -41.92 -14.72 -7.69
CA LEU J 50 -42.36 -14.33 -6.36
C LEU J 50 -41.58 -15.09 -5.32
N ARG J 51 -41.26 -14.43 -4.22
CA ARG J 51 -40.49 -15.09 -3.19
C ARG J 51 -41.31 -15.31 -1.92
N SER J 52 -41.92 -14.25 -1.41
CA SER J 52 -42.65 -14.38 -0.15
C SER J 52 -44.15 -14.59 -0.21
N PRO J 53 -44.70 -15.33 0.79
CA PRO J 53 -46.12 -15.66 0.95
C PRO J 53 -46.98 -14.42 0.99
N GLY J 54 -48.13 -14.48 0.32
CA GLY J 54 -49.02 -13.34 0.28
C GLY J 54 -48.88 -12.51 -0.97
N ASP J 55 -47.75 -12.67 -1.66
CA ASP J 55 -47.52 -11.94 -2.89
C ASP J 55 -48.47 -12.46 -3.95
N LYS J 56 -49.19 -11.55 -4.61
CA LYS J 56 -50.12 -11.95 -5.66
C LYS J 56 -49.83 -11.06 -6.86
N GLU J 57 -49.93 -11.63 -8.05
CA GLU J 57 -49.69 -10.88 -9.28
C GLU J 57 -50.59 -11.25 -10.45
N VAL J 58 -50.98 -10.23 -11.22
CA VAL J 58 -51.81 -10.43 -12.40
C VAL J 58 -50.94 -10.03 -13.59
N LYS J 59 -51.33 -10.46 -14.78
CA LYS J 59 -50.56 -10.15 -15.96
C LYS J 59 -51.32 -10.74 -17.16
N SER J 60 -51.73 -9.89 -18.08
CA SER J 60 -52.46 -10.36 -19.23
C SER J 60 -51.53 -10.45 -20.43
N LEU J 61 -51.68 -11.52 -21.20
CA LEU J 61 -50.89 -11.76 -22.37
C LEU J 61 -51.72 -12.22 -23.53
N PRO J 62 -51.11 -12.31 -24.71
CA PRO J 62 -51.88 -12.77 -25.86
C PRO J 62 -52.17 -14.25 -25.60
N GLY J 63 -53.45 -14.61 -25.54
CA GLY J 63 -53.80 -16.01 -25.33
C GLY J 63 -54.17 -16.48 -23.94
N ALA J 64 -54.04 -15.63 -22.92
CA ALA J 64 -54.39 -16.04 -21.57
C ALA J 64 -54.16 -14.95 -20.53
N ASP J 65 -54.98 -14.94 -19.48
CA ASP J 65 -54.85 -14.00 -18.37
C ASP J 65 -54.35 -14.85 -17.22
N TYR J 66 -53.41 -14.30 -16.44
CA TYR J 66 -52.83 -15.05 -15.33
C TYR J 66 -52.95 -14.41 -13.99
N LEU J 67 -52.91 -15.24 -12.96
CA LEU J 67 -52.97 -14.78 -11.59
C LEU J 67 -52.09 -15.65 -10.71
N ALA J 68 -50.79 -15.35 -10.70
CA ALA J 68 -49.85 -16.11 -9.89
C ALA J 68 -49.97 -15.63 -8.46
N THR J 69 -49.86 -16.56 -7.51
CA THR J 69 -49.94 -16.22 -6.10
C THR J 69 -49.01 -17.14 -5.32
N ARG J 70 -48.33 -16.59 -4.33
CA ARG J 70 -47.42 -17.37 -3.50
C ARG J 70 -48.21 -17.61 -2.23
N VAL J 71 -48.54 -18.87 -1.96
CA VAL J 71 -49.34 -19.21 -0.79
C VAL J 71 -48.50 -19.50 0.45
N THR J 72 -47.45 -20.29 0.28
CA THR J 72 -46.58 -20.62 1.39
C THR J 72 -45.12 -20.66 0.90
N ASP J 73 -44.21 -20.93 1.82
CA ASP J 73 -42.79 -21.01 1.52
C ASP J 73 -42.52 -22.09 0.47
N THR J 74 -43.49 -22.99 0.30
CA THR J 74 -43.32 -24.09 -0.63
C THR J 74 -44.34 -24.19 -1.77
N GLU J 75 -45.42 -23.42 -1.69
CA GLU J 75 -46.44 -23.49 -2.74
C GLU J 75 -46.66 -22.23 -3.55
N LEU J 76 -46.40 -22.34 -4.85
CA LEU J 76 -46.60 -21.23 -5.77
C LEU J 76 -47.75 -21.61 -6.68
N ARG J 77 -48.79 -20.77 -6.69
CA ARG J 77 -49.94 -21.04 -7.54
C ARG J 77 -50.04 -20.13 -8.74
N LEU J 78 -50.80 -20.61 -9.73
CA LEU J 78 -51.03 -19.87 -10.97
C LEU J 78 -52.36 -20.31 -11.54
N GLN J 79 -53.28 -19.38 -11.68
CA GLN J 79 -54.54 -19.77 -12.25
C GLN J 79 -54.73 -19.01 -13.56
N VAL J 80 -54.74 -19.77 -14.65
CA VAL J 80 -54.89 -19.19 -15.98
C VAL J 80 -56.35 -19.22 -16.44
N ALA J 81 -56.91 -18.04 -16.62
CA ALA J 81 -58.29 -17.87 -17.07
C ALA J 81 -58.32 -17.41 -18.53
N ASN J 82 -59.49 -17.47 -19.17
CA ASN J 82 -59.63 -17.06 -20.56
C ASN J 82 -58.60 -17.60 -21.54
N MET J 83 -58.03 -18.75 -21.25
CA MET J 83 -57.04 -19.29 -22.17
C MET J 83 -57.65 -19.51 -23.57
N SER J 84 -57.25 -18.68 -24.53
CA SER J 84 -57.77 -18.80 -25.88
C SER J 84 -56.76 -19.39 -26.86
N GLN J 85 -55.55 -19.65 -26.38
CA GLN J 85 -54.50 -20.22 -27.22
C GLN J 85 -53.72 -21.23 -26.38
N GLY J 86 -53.10 -22.20 -27.04
CA GLY J 86 -52.34 -23.22 -26.32
C GLY J 86 -51.02 -22.72 -25.79
N ARG J 87 -50.62 -23.22 -24.62
CA ARG J 87 -49.38 -22.79 -23.96
C ARG J 87 -48.91 -23.77 -22.88
N THR J 88 -47.62 -24.13 -22.90
CA THR J 88 -47.10 -25.01 -21.86
C THR J 88 -46.41 -24.11 -20.81
N LEU J 89 -46.64 -24.38 -19.53
CA LEU J 89 -46.04 -23.55 -18.49
C LEU J 89 -44.94 -24.23 -17.69
N TYR J 90 -43.94 -23.42 -17.35
CA TYR J 90 -42.79 -23.89 -16.59
C TYR J 90 -42.66 -23.16 -15.26
N CYS J 91 -42.36 -23.95 -14.23
CA CYS J 91 -42.15 -23.44 -12.90
C CYS J 91 -40.70 -23.69 -12.59
N THR J 92 -40.03 -22.63 -12.19
CA THR J 92 -38.61 -22.74 -11.87
C THR J 92 -38.33 -22.18 -10.48
N CYS J 93 -37.28 -22.69 -9.85
CA CYS J 93 -36.91 -22.18 -8.54
C CYS J 93 -35.44 -21.83 -8.63
N SER J 94 -35.03 -20.88 -7.79
CA SER J 94 -33.63 -20.43 -7.76
C SER J 94 -33.27 -19.92 -6.38
N ALA J 95 -31.96 -19.88 -6.10
CA ALA J 95 -31.47 -19.38 -4.82
C ALA J 95 -31.76 -17.90 -4.77
N ALA J 96 -31.29 -17.18 -5.79
CA ALA J 96 -31.53 -15.74 -5.87
C ALA J 96 -32.10 -15.33 -7.24
N PRO J 97 -32.84 -14.22 -7.29
CA PRO J 97 -33.46 -13.68 -8.50
C PRO J 97 -32.66 -13.87 -9.78
N ASP J 98 -31.35 -13.61 -9.71
CA ASP J 98 -30.48 -13.70 -10.86
C ASP J 98 -29.49 -14.87 -10.85
N TRP J 99 -29.94 -16.03 -10.39
CA TRP J 99 -29.06 -17.19 -10.33
C TRP J 99 -29.89 -18.48 -10.37
N GLY J 100 -29.23 -19.60 -10.69
CA GLY J 100 -29.93 -20.86 -10.72
C GLY J 100 -30.28 -21.24 -9.30
N ALA J 101 -30.44 -22.52 -9.03
CA ALA J 101 -30.75 -22.97 -7.69
C ALA J 101 -29.42 -23.41 -7.11
N SER J 102 -29.02 -24.62 -7.48
CA SER J 102 -27.76 -25.19 -7.05
C SER J 102 -26.79 -25.09 -8.21
N ALA J 103 -27.07 -24.19 -9.15
CA ALA J 103 -26.21 -23.99 -10.31
C ALA J 103 -26.39 -22.56 -10.83
N GLU J 104 -25.52 -22.17 -11.76
CA GLU J 104 -25.55 -20.83 -12.29
C GLU J 104 -26.81 -20.42 -13.05
N THR J 105 -27.40 -21.34 -13.80
CA THR J 105 -28.59 -21.02 -14.57
C THR J 105 -29.88 -21.76 -14.21
N LEU J 106 -30.98 -21.16 -14.63
CA LEU J 106 -32.31 -21.69 -14.38
C LEU J 106 -32.58 -23.06 -15.02
N TYR J 107 -33.39 -23.87 -14.35
CA TYR J 107 -33.73 -25.19 -14.85
C TYR J 107 -35.24 -25.34 -15.01
N PHE J 108 -35.66 -25.76 -16.20
CA PHE J 108 -37.07 -25.95 -16.55
C PHE J 108 -37.45 -27.42 -16.57
N GLY J 109 -38.62 -27.74 -16.04
CA GLY J 109 -39.05 -29.13 -16.03
C GLY J 109 -39.66 -29.54 -17.36
N SER J 110 -40.60 -30.48 -17.30
CA SER J 110 -41.31 -30.93 -18.48
C SER J 110 -42.44 -29.94 -18.58
N GLY J 111 -42.74 -29.31 -17.45
CA GLY J 111 -43.79 -28.34 -17.37
C GLY J 111 -45.16 -28.95 -17.57
N THR J 112 -46.19 -28.12 -17.51
CA THR J 112 -47.57 -28.52 -17.70
C THR J 112 -48.09 -27.96 -19.02
N ARG J 113 -48.46 -28.84 -19.96
CA ARG J 113 -48.97 -28.41 -21.26
C ARG J 113 -50.48 -28.27 -21.30
N LEU J 114 -50.96 -27.06 -21.56
CA LEU J 114 -52.40 -26.83 -21.61
C LEU J 114 -52.87 -26.54 -23.02
N THR J 115 -53.54 -27.54 -23.62
CA THR J 115 -54.07 -27.38 -24.95
C THR J 115 -55.55 -27.08 -24.72
N VAL J 116 -56.18 -26.39 -25.66
CA VAL J 116 -57.57 -25.99 -25.49
C VAL J 116 -58.68 -26.94 -25.99
N LEU J 117 -59.80 -26.91 -25.26
CA LEU J 117 -60.98 -27.72 -25.58
C LEU J 117 -60.65 -29.17 -25.88
C1 NAG K . 22.20 41.01 13.97
C2 NAG K . 22.76 42.41 13.66
C3 NAG K . 21.66 43.48 13.61
C4 NAG K . 20.48 43.03 12.74
C5 NAG K . 20.04 41.61 13.11
C6 NAG K . 18.96 41.08 12.17
C7 NAG K . 25.02 42.78 14.36
C8 NAG K . 26.02 43.00 15.49
N2 NAG K . 23.73 42.77 14.67
O3 NAG K . 22.21 44.68 13.07
O4 NAG K . 19.38 43.94 12.91
O5 NAG K . 21.15 40.70 13.03
O6 NAG K . 19.47 40.90 10.85
O7 NAG K . 25.44 42.62 13.21
C1 NAG K . 18.74 44.39 11.75
C2 NAG K . 17.51 45.24 12.13
C3 NAG K . 16.97 46.08 10.96
C4 NAG K . 18.10 46.78 10.21
C5 NAG K . 19.12 45.72 9.80
C6 NAG K . 20.26 46.25 8.94
C7 NAG K . 16.42 43.96 13.87
C8 NAG K . 15.41 42.88 14.23
N2 NAG K . 16.44 44.37 12.61
O3 NAG K . 16.05 47.05 11.44
O4 NAG K . 17.56 47.42 9.03
O5 NAG K . 19.70 45.16 11.00
O6 NAG K . 20.67 47.54 9.36
O7 NAG K . 17.18 44.39 14.74
C1 MAN K . 17.61 48.80 8.97
C2 MAN K . 17.96 49.19 7.53
C3 MAN K . 17.57 50.62 7.10
C4 MAN K . 16.30 51.13 7.79
C5 MAN K . 16.21 50.71 9.25
C6 MAN K . 14.89 51.10 9.87
O2 MAN K . 17.35 48.26 6.64
O3 MAN K . 17.31 50.54 5.68
O4 MAN K . 16.26 52.56 7.71
O5 MAN K . 16.32 49.28 9.34
O6 MAN K . 14.63 50.28 11.03
C1 MAN K . 13.54 49.36 10.96
C2 MAN K . 12.87 49.31 9.55
C3 MAN K . 11.93 50.49 9.33
C4 MAN K . 10.99 50.70 10.52
C5 MAN K . 11.78 50.77 11.83
C6 MAN K . 10.87 50.86 13.04
O2 MAN K . 12.11 48.08 9.41
O3 MAN K . 11.16 50.29 8.15
O4 MAN K . 10.24 51.90 10.35
O5 MAN K . 12.58 49.57 11.98
O6 MAN K . 10.17 52.09 13.06
C1 NAG K . 12.79 46.93 9.00
C2 NAG K . 12.53 45.82 10.01
C3 NAG K . 13.09 44.47 9.53
C4 NAG K . 12.96 44.18 8.00
C5 NAG K . 13.04 45.47 7.15
C6 NAG K . 12.53 45.29 5.75
C7 NAG K . 12.62 45.77 12.41
C8 NAG K . 13.59 45.47 13.54
N2 NAG K . 13.14 46.18 11.26
O3 NAG K . 12.41 43.45 10.24
O4 NAG K . 14.07 43.33 7.62
O5 NAG K . 12.27 46.53 7.74
O6 NAG K . 11.48 46.20 5.47
O7 NAG K . 11.41 45.61 12.57
C1 GAL K . 13.96 41.95 7.43
C2 GAL K . 12.99 41.24 8.40
C3 GAL K . 13.08 39.73 8.15
C4 GAL K . 12.86 39.42 6.66
C5 GAL K . 13.80 40.25 5.79
C6 GAL K . 13.53 40.05 4.31
O2 GAL K . 13.37 41.51 9.75
O3 GAL K . 12.08 39.03 8.94
O4 GAL K . 11.51 39.71 6.30
O5 GAL K . 13.64 41.66 6.07
O6 GAL K . 14.39 39.07 3.75
C1 SIA K . 12.06 37.04 10.28
C2 SIA K . 12.39 38.53 10.21
C3 SIA K . 11.59 39.30 11.28
C4 SIA K . 12.01 38.87 12.70
C5 SIA K . 13.54 38.97 12.86
C6 SIA K . 14.18 38.12 11.75
C7 SIA K . 15.71 38.05 11.88
C8 SIA K . 16.30 37.18 10.76
C9 SIA K . 17.79 36.95 11.00
C10 SIA K . 14.20 39.35 15.14
C11 SIA K . 15.60 39.35 15.71
N5 SIA K . 13.92 38.49 14.17
O1A SIA K . 12.90 36.21 9.86
O1B SIA K . 10.95 36.69 10.74
O4 SIA K . 11.38 39.70 13.66
O6 SIA K . 13.81 38.65 10.45
O7 SIA K . 16.25 39.37 11.82
O8 SIA K . 15.63 35.93 10.71
O9 SIA K . 18.33 36.11 9.98
O10 SIA K . 13.36 40.15 15.58
C1 MAN K . 17.57 51.62 4.83
C2 MAN K . 18.83 51.27 3.99
C3 MAN K . 18.95 52.06 2.68
C4 MAN K . 17.62 52.05 1.93
C5 MAN K . 16.58 52.67 2.85
C6 MAN K . 15.21 52.78 2.19
O2 MAN K . 18.85 49.88 3.70
O3 MAN K . 19.95 51.46 1.85
O4 MAN K . 17.74 52.79 0.72
O5 MAN K . 16.41 51.84 4.01
O6 MAN K . 15.24 53.67 1.09
C1 NAG L . 60.43 24.72 7.39
C2 NAG L . 60.07 23.50 6.55
C3 NAG L . 61.03 23.32 5.36
C4 NAG L . 61.07 24.62 4.56
C5 NAG L . 61.47 25.78 5.47
C6 NAG L . 61.52 27.11 4.76
C7 NAG L . 59.00 21.54 7.42
C8 NAG L . 59.05 20.18 6.73
N2 NAG L . 60.08 22.30 7.37
O3 NAG L . 60.59 22.25 4.54
O4 NAG L . 62.00 24.52 3.47
O5 NAG L . 60.51 25.90 6.56
O6 NAG L . 62.11 28.10 5.58
O7 NAG L . 57.96 21.90 8.00
C1 NAG M . -61.69 -13.24 -18.55
C2 NAG M . -62.58 -12.04 -19.03
C3 NAG M . -62.22 -10.67 -18.40
C4 NAG M . -61.84 -10.84 -16.94
C5 NAG M . -60.67 -11.81 -16.91
C6 NAG M . -59.92 -11.90 -15.59
C7 NAG M . -63.59 -11.63 -21.22
C8 NAG M . -63.50 -10.38 -22.09
N2 NAG M . -62.51 -11.94 -20.48
O3 NAG M . -63.32 -9.76 -18.51
O4 NAG M . -61.48 -9.59 -16.36
O5 NAG M . -61.16 -13.13 -17.21
O6 NAG M . -58.96 -12.94 -15.63
O7 NAG M . -64.63 -12.32 -21.22
#